data_2Q83
#
_entry.id   2Q83
#
_cell.length_a   172.999
_cell.length_b   172.999
_cell.length_c   192.574
_cell.angle_alpha   90.000
_cell.angle_beta   90.000
_cell.angle_gamma   120.000
#
_symmetry.space_group_name_H-M   'P 64 2 2'
#
loop_
_entity.id
_entity.type
_entity.pdbx_description
1 polymer 'YtaA protein'
2 non-polymer ADENOSINE
3 non-polymer 'UNKNOWN LIGAND'
4 non-polymer 1,2-ETHANEDIOL
5 non-polymer 'SULFATE ION'
6 non-polymer 'CITRIC ACID'
7 water water
#
_entity_poly.entity_id   1
_entity_poly.type   'polypeptide(L)'
_entity_poly.pdbx_seq_one_letter_code
;GEEGNSSELPLSAEDAKKLTELAENVLQGWDVQAEKIDVIQGNQ(MSE)ALVWKVHTDSGAVCLKRIHRPEKKALFSIFA
QDYLAKKG(MSE)NVPGILPNKKGSLYSKHGSFLFVVYDWIEGRPFELTVKQDLEFI(MSE)KGLADFHTASVGYQPPNG
VPIFTKLGRWPNHYTKRCKQ(MSE)ETWKL(MSE)AEAEKEDPFSQLYLQEIDGFIEDGLRIKDRLLQSTYVPWTEQLKK
SPNLCHQDYGTGNTLLGENEQIWVIDLDTVSFDLPIRDLRK(MSE)IIPLLDTTGVWDDETFNV(MSE)LNAYESRAPLT
EEQKQV(MSE)FID(MSE)LFPYELYDVIREKYVRKSALPKEELESAFEYERIKANALRQLI
;
_entity_poly.pdbx_strand_id   A,B
#
# COMPACT_ATOMS: atom_id res chain seq x y z
N LEU A 11 -15.77 38.39 -0.16
CA LEU A 11 -15.52 39.73 0.41
C LEU A 11 -16.53 40.74 -0.11
N SER A 12 -17.62 40.97 0.64
CA SER A 12 -18.68 41.92 0.24
C SER A 12 -19.62 42.30 1.43
N ALA A 13 -20.49 43.28 1.20
CA ALA A 13 -21.43 43.77 2.23
C ALA A 13 -22.59 42.79 2.55
N GLU A 14 -23.76 42.97 1.94
CA GLU A 14 -24.93 42.11 2.16
C GLU A 14 -24.74 40.64 1.72
N ASP A 15 -23.81 40.43 0.80
CA ASP A 15 -23.47 39.11 0.27
C ASP A 15 -22.80 38.25 1.37
N ALA A 16 -21.97 38.85 2.23
CA ALA A 16 -21.31 38.11 3.32
C ALA A 16 -22.31 37.66 4.38
N LYS A 17 -23.28 38.52 4.74
CA LYS A 17 -24.31 38.12 5.73
C LYS A 17 -25.30 37.13 5.10
N LYS A 18 -25.43 37.13 3.77
CA LYS A 18 -26.30 36.21 3.06
C LYS A 18 -25.74 34.79 3.24
N LEU A 19 -24.45 34.63 3.00
CA LEU A 19 -23.75 33.35 3.15
C LEU A 19 -23.70 32.90 4.61
N THR A 20 -23.49 33.84 5.54
CA THR A 20 -23.47 33.53 6.97
C THR A 20 -24.82 32.95 7.40
N GLU A 21 -25.90 33.59 6.99
CA GLU A 21 -27.27 33.11 7.29
C GLU A 21 -27.60 31.75 6.68
N LEU A 22 -27.01 31.42 5.53
CA LEU A 22 -27.21 30.13 4.89
C LEU A 22 -26.58 29.05 5.79
N ALA A 23 -25.35 29.32 6.27
CA ALA A 23 -24.63 28.42 7.16
C ALA A 23 -25.44 28.16 8.42
N GLU A 24 -25.91 29.23 9.06
CA GLU A 24 -26.71 29.10 10.29
C GLU A 24 -27.97 28.24 10.10
N ASN A 25 -28.59 28.39 8.92
CA ASN A 25 -29.80 27.66 8.56
C ASN A 25 -29.51 26.17 8.34
N VAL A 26 -28.47 25.90 7.55
CA VAL A 26 -28.04 24.53 7.25
C VAL A 26 -27.52 23.79 8.49
N LEU A 27 -26.79 24.51 9.35
CA LEU A 27 -26.22 23.93 10.58
C LEU A 27 -27.25 23.42 11.60
N GLN A 28 -28.50 23.86 11.48
CA GLN A 28 -29.60 23.36 12.32
C GLN A 28 -29.73 21.84 12.19
N GLY A 29 -29.39 21.29 11.01
CA GLY A 29 -29.42 19.86 10.74
C GLY A 29 -28.40 19.04 11.52
N TRP A 30 -27.35 19.68 12.01
CA TRP A 30 -26.30 19.06 12.82
C TRP A 30 -26.49 19.58 14.22
N ASP A 31 -25.75 19.01 15.16
CA ASP A 31 -25.83 19.41 16.56
C ASP A 31 -24.45 20.02 16.84
N VAL A 32 -24.30 21.23 16.32
CA VAL A 32 -23.05 22.01 16.43
C VAL A 32 -23.35 23.39 17.02
N GLN A 33 -22.66 23.71 18.13
CA GLN A 33 -22.82 25.00 18.80
C GLN A 33 -22.09 26.08 18.00
N ALA A 34 -22.76 26.66 17.01
CA ALA A 34 -22.19 27.70 16.15
C ALA A 34 -22.04 29.04 16.86
N GLU A 35 -20.80 29.44 17.16
CA GLU A 35 -20.51 30.71 17.84
C GLU A 35 -20.05 31.83 16.92
N LYS A 36 -19.20 31.51 15.95
CA LYS A 36 -18.67 32.49 15.02
C LYS A 36 -18.46 31.74 13.70
N ILE A 37 -18.94 32.30 12.59
CA ILE A 37 -18.82 31.67 11.27
C ILE A 37 -18.10 32.59 10.30
N ASP A 38 -17.07 32.05 9.64
CA ASP A 38 -16.27 32.77 8.66
C ASP A 38 -16.33 32.12 7.30
N VAL A 39 -16.56 32.92 6.26
CA VAL A 39 -16.59 32.42 4.88
C VAL A 39 -15.13 32.33 4.46
N ILE A 40 -14.74 31.22 3.83
CA ILE A 40 -13.35 31.00 3.40
C ILE A 40 -13.17 30.95 1.87
N GLN A 41 -13.54 29.83 1.23
CA GLN A 41 -13.43 29.65 -0.24
C GLN A 41 -14.78 29.91 -0.92
N ALA A 46 -17.05 25.52 -5.16
CA ALA A 46 -17.34 25.07 -3.81
C ALA A 46 -17.26 26.24 -2.82
N LEU A 47 -18.20 26.25 -1.86
CA LEU A 47 -18.29 27.27 -0.83
C LEU A 47 -17.93 26.61 0.52
N VAL A 48 -16.96 27.17 1.24
CA VAL A 48 -16.47 26.64 2.50
C VAL A 48 -16.52 27.66 3.63
N TRP A 49 -16.96 27.22 4.81
CA TRP A 49 -17.04 28.02 6.02
C TRP A 49 -16.30 27.38 7.19
N LYS A 50 -15.64 28.20 8.01
CA LYS A 50 -14.98 27.72 9.21
C LYS A 50 -15.98 28.07 10.28
N VAL A 51 -16.53 27.05 10.93
CA VAL A 51 -17.51 27.21 11.98
C VAL A 51 -16.84 27.04 13.34
N HIS A 52 -16.70 28.12 14.09
CA HIS A 52 -16.09 28.06 15.41
C HIS A 52 -17.12 27.63 16.43
N THR A 53 -16.75 26.67 17.28
CA THR A 53 -17.61 26.16 18.34
C THR A 53 -16.94 26.42 19.68
N ASP A 54 -17.68 26.13 20.76
CA ASP A 54 -17.24 26.27 22.18
C ASP A 54 -15.70 26.31 22.40
N SER A 55 -14.96 25.35 21.83
CA SER A 55 -13.48 25.32 21.92
C SER A 55 -12.90 24.29 20.91
N GLY A 56 -12.77 24.73 19.65
CA GLY A 56 -12.30 23.92 18.51
C GLY A 56 -13.35 24.05 17.41
N ALA A 57 -12.91 24.08 16.14
CA ALA A 57 -13.79 24.27 14.97
C ALA A 57 -14.16 23.09 14.07
N VAL A 58 -15.17 23.32 13.23
CA VAL A 58 -15.60 22.34 12.21
C VAL A 58 -15.67 23.11 10.89
N CYS A 59 -15.70 22.37 9.79
CA CYS A 59 -15.77 22.87 8.44
C CYS A 59 -17.12 22.57 7.80
N LEU A 60 -17.83 23.58 7.31
CA LEU A 60 -19.11 23.39 6.60
C LEU A 60 -18.75 23.62 5.14
N LYS A 61 -19.01 22.65 4.26
CA LYS A 61 -18.71 22.77 2.83
C LYS A 61 -19.98 22.55 2.00
N ARG A 62 -20.27 23.46 1.06
CA ARG A 62 -21.40 23.30 0.13
C ARG A 62 -20.71 22.74 -1.10
N ILE A 63 -21.05 21.50 -1.47
CA ILE A 63 -20.44 20.85 -2.62
C ILE A 63 -21.15 21.34 -3.90
N HIS A 64 -20.33 21.84 -4.83
CA HIS A 64 -20.79 22.43 -6.11
C HIS A 64 -21.20 21.37 -7.15
N ARG A 65 -20.38 20.33 -7.21
CA ARG A 65 -20.46 19.16 -8.12
C ARG A 65 -21.86 18.44 -8.17
N PRO A 66 -22.19 17.69 -9.27
CA PRO A 66 -23.51 17.01 -9.32
C PRO A 66 -23.64 15.88 -8.26
N GLU A 67 -24.88 15.57 -7.83
CA GLU A 67 -25.11 14.56 -6.76
C GLU A 67 -24.40 13.19 -6.93
N LYS A 68 -24.30 12.67 -8.16
CA LYS A 68 -23.63 11.39 -8.39
C LYS A 68 -22.15 11.46 -8.04
N LYS A 69 -21.46 12.48 -8.57
CA LYS A 69 -20.02 12.65 -8.31
C LYS A 69 -19.74 13.11 -6.88
N ALA A 70 -20.71 13.84 -6.32
CA ALA A 70 -20.60 14.32 -4.95
C ALA A 70 -20.55 13.14 -4.00
N LEU A 71 -21.52 12.23 -4.12
CA LEU A 71 -21.59 11.05 -3.23
C LEU A 71 -20.37 10.14 -3.32
N PHE A 72 -19.81 9.96 -4.52
CA PHE A 72 -18.62 9.14 -4.67
C PHE A 72 -17.47 9.65 -3.80
N SER A 73 -17.26 10.95 -3.79
CA SER A 73 -16.18 11.56 -2.98
C SER A 73 -16.52 11.63 -1.48
N ILE A 74 -17.78 11.91 -1.15
CA ILE A 74 -18.19 11.97 0.26
C ILE A 74 -17.99 10.60 0.92
N PHE A 75 -18.44 9.54 0.27
CA PHE A 75 -18.28 8.18 0.80
C PHE A 75 -16.82 7.73 0.76
N ALA A 76 -16.05 8.24 -0.20
CA ALA A 76 -14.63 7.92 -0.28
C ALA A 76 -13.95 8.50 0.95
N GLN A 77 -14.30 9.74 1.29
CA GLN A 77 -13.70 10.39 2.46
C GLN A 77 -14.06 9.68 3.78
N ASP A 78 -15.31 9.26 3.90
CA ASP A 78 -15.76 8.56 5.09
C ASP A 78 -14.98 7.25 5.24
N TYR A 79 -14.84 6.51 4.14
CA TYR A 79 -14.09 5.27 4.11
C TYR A 79 -12.65 5.50 4.60
N LEU A 80 -11.99 6.49 4.00
CA LEU A 80 -10.60 6.81 4.35
C LEU A 80 -10.47 7.26 5.81
N ALA A 81 -11.34 8.16 6.25
CA ALA A 81 -11.31 8.62 7.64
C ALA A 81 -11.46 7.46 8.63
N LYS A 82 -12.49 6.63 8.42
CA LYS A 82 -12.75 5.47 9.29
C LYS A 82 -11.65 4.40 9.22
N LYS A 83 -10.92 4.34 8.11
CA LYS A 83 -9.83 3.39 7.94
C LYS A 83 -8.55 3.85 8.66
N GLY A 84 -8.47 5.13 9.03
CA GLY A 84 -7.29 5.66 9.72
C GLY A 84 -6.41 6.58 8.89
N ASN A 86 -5.26 9.99 7.08
CA ASN A 86 -5.34 11.38 7.53
C ASN A 86 -6.13 12.28 6.56
N VAL A 87 -7.45 12.17 6.62
CA VAL A 87 -8.37 13.00 5.88
C VAL A 87 -9.37 13.44 6.94
N PRO A 88 -9.94 14.64 6.81
CA PRO A 88 -10.89 15.05 7.85
C PRO A 88 -12.09 14.13 7.93
N GLY A 89 -12.49 13.77 9.14
CA GLY A 89 -13.65 12.91 9.32
C GLY A 89 -14.92 13.69 9.15
N ILE A 90 -15.99 12.99 8.77
CA ILE A 90 -17.29 13.60 8.56
C ILE A 90 -18.17 13.45 9.80
N LEU A 91 -18.71 14.56 10.30
CA LEU A 91 -19.62 14.51 11.46
C LEU A 91 -21.02 14.13 10.96
N PRO A 92 -21.63 13.05 11.50
CA PRO A 92 -22.99 12.74 11.06
C PRO A 92 -23.97 13.78 11.54
N ASN A 93 -25.04 14.00 10.77
CA ASN A 93 -26.06 14.98 11.15
C ASN A 93 -27.09 14.37 12.10
N LYS A 94 -28.06 15.16 12.53
CA LYS A 94 -29.11 14.68 13.42
C LYS A 94 -29.84 13.44 12.90
N LYS A 95 -29.99 13.31 11.59
CA LYS A 95 -30.68 12.16 10.98
C LYS A 95 -29.76 10.97 10.73
N GLY A 96 -28.47 11.07 11.11
CA GLY A 96 -27.49 10.00 10.93
C GLY A 96 -26.81 9.92 9.59
N SER A 97 -27.03 10.91 8.74
CA SER A 97 -26.44 10.95 7.40
C SER A 97 -25.16 11.76 7.36
N LEU A 98 -24.34 11.46 6.37
CA LEU A 98 -23.08 12.17 6.16
C LEU A 98 -23.28 13.53 5.49
N TYR A 99 -24.47 13.80 4.93
CA TYR A 99 -24.73 15.04 4.25
C TYR A 99 -26.20 15.42 4.26
N SER A 100 -26.49 16.67 3.91
CA SER A 100 -27.88 17.18 3.80
C SER A 100 -28.05 17.79 2.42
N LYS A 101 -29.19 17.54 1.76
CA LYS A 101 -29.45 18.12 0.46
C LYS A 101 -30.42 19.29 0.64
N HIS A 102 -30.09 20.43 0.05
CA HIS A 102 -30.93 21.65 0.05
C HIS A 102 -30.83 22.24 -1.35
N GLY A 103 -31.89 22.06 -2.14
CA GLY A 103 -31.94 22.54 -3.53
C GLY A 103 -31.09 21.61 -4.38
N SER A 104 -30.22 22.20 -5.21
CA SER A 104 -29.33 21.45 -6.07
C SER A 104 -27.94 21.25 -5.42
N PHE A 105 -27.83 21.43 -4.10
CA PHE A 105 -26.55 21.34 -3.39
C PHE A 105 -26.52 20.40 -2.18
N LEU A 106 -25.35 19.80 -1.96
CA LEU A 106 -25.09 18.92 -0.84
C LEU A 106 -24.22 19.64 0.18
N PHE A 107 -24.62 19.59 1.45
CA PHE A 107 -23.88 20.20 2.55
C PHE A 107 -23.26 19.09 3.41
N VAL A 108 -22.00 19.25 3.79
CA VAL A 108 -21.28 18.30 4.63
C VAL A 108 -20.50 19.03 5.71
N VAL A 109 -20.44 18.46 6.92
CA VAL A 109 -19.68 19.01 8.04
C VAL A 109 -18.50 18.08 8.30
N TYR A 110 -17.30 18.66 8.29
CA TYR A 110 -16.08 17.92 8.51
C TYR A 110 -15.34 18.52 9.68
N ASP A 111 -14.45 17.73 10.27
CA ASP A 111 -13.62 18.14 11.36
C ASP A 111 -12.62 19.12 10.77
N TRP A 112 -12.38 20.25 11.41
CA TRP A 112 -11.42 21.24 10.93
C TRP A 112 -10.03 20.81 11.41
N ILE A 113 -9.14 20.46 10.49
CA ILE A 113 -7.78 20.03 10.83
C ILE A 113 -6.85 21.21 10.94
N GLU A 114 -6.10 21.29 12.03
CA GLU A 114 -5.16 22.37 12.27
C GLU A 114 -3.79 21.93 11.80
N GLY A 115 -3.12 22.78 11.02
CA GLY A 115 -1.81 22.45 10.50
C GLY A 115 -1.27 23.54 9.58
N ARG A 116 -0.01 23.42 9.20
CA ARG A 116 0.61 24.42 8.33
C ARG A 116 0.71 23.91 6.91
N PRO A 117 0.69 24.82 5.92
CA PRO A 117 0.86 24.39 4.54
C PRO A 117 2.34 24.09 4.26
N PHE A 118 2.60 23.31 3.22
CA PHE A 118 3.97 22.97 2.85
C PHE A 118 4.63 24.03 1.98
N GLU A 119 5.96 24.13 2.14
CA GLU A 119 6.84 25.03 1.40
C GLU A 119 7.59 24.16 0.44
N LEU A 120 7.26 24.23 -0.85
CA LEU A 120 7.93 23.39 -1.87
C LEU A 120 9.43 23.64 -2.10
N THR A 121 9.95 24.79 -1.64
CA THR A 121 11.39 25.09 -1.74
C THR A 121 12.18 24.40 -0.59
N VAL A 122 11.50 23.86 0.42
CA VAL A 122 12.12 23.14 1.54
C VAL A 122 12.07 21.64 1.23
N LYS A 123 13.23 20.97 1.30
CA LYS A 123 13.36 19.54 0.98
C LYS A 123 12.50 18.59 1.82
N GLN A 124 12.45 18.79 3.14
CA GLN A 124 11.68 17.93 4.04
C GLN A 124 10.17 18.01 3.72
N ASP A 125 9.68 19.20 3.38
CA ASP A 125 8.26 19.39 3.01
C ASP A 125 7.90 18.73 1.71
N LEU A 126 8.84 18.74 0.78
CA LEU A 126 8.66 18.14 -0.52
C LEU A 126 8.56 16.61 -0.28
N GLU A 127 9.40 16.08 0.62
CA GLU A 127 9.35 14.67 1.00
C GLU A 127 8.05 14.32 1.73
N PHE A 128 7.61 15.19 2.65
CA PHE A 128 6.33 14.94 3.36
C PHE A 128 5.14 14.87 2.43
N ILE A 129 5.03 15.83 1.53
CA ILE A 129 3.89 15.91 0.62
C ILE A 129 3.80 14.65 -0.27
N LYS A 131 5.10 11.50 0.58
CA LYS A 131 4.77 10.36 1.45
C LYS A 131 3.27 10.32 1.73
N GLY A 132 2.66 11.50 1.91
CA GLY A 132 1.23 11.59 2.13
C GLY A 132 0.46 11.17 0.90
N LEU A 133 1.00 11.42 -0.30
CA LEU A 133 0.34 11.02 -1.54
C LEU A 133 0.40 9.50 -1.61
N ALA A 134 1.55 8.92 -1.25
CA ALA A 134 1.68 7.48 -1.23
C ALA A 134 0.67 6.90 -0.23
N ASP A 135 0.59 7.50 0.98
CA ASP A 135 -0.36 7.03 2.02
C ASP A 135 -1.81 7.04 1.52
N PHE A 136 -2.19 8.12 0.87
CA PHE A 136 -3.52 8.27 0.29
C PHE A 136 -3.80 7.17 -0.74
N HIS A 137 -2.85 6.93 -1.64
CA HIS A 137 -3.03 5.90 -2.66
C HIS A 137 -3.22 4.50 -2.09
N THR A 138 -2.32 4.09 -1.21
CA THR A 138 -2.37 2.79 -0.55
C THR A 138 -3.65 2.59 0.25
N ALA A 139 -3.97 3.54 1.11
CA ALA A 139 -5.17 3.50 1.95
C ALA A 139 -6.47 3.43 1.17
N SER A 140 -6.52 4.09 0.01
CA SER A 140 -7.74 4.10 -0.80
C SER A 140 -8.12 2.76 -1.41
N VAL A 141 -7.17 1.84 -1.55
CA VAL A 141 -7.43 0.53 -2.13
C VAL A 141 -8.39 -0.22 -1.21
N GLY A 142 -9.53 -0.64 -1.77
CA GLY A 142 -10.57 -1.33 -1.04
C GLY A 142 -11.86 -0.49 -1.05
N TYR A 143 -11.77 0.79 -1.39
CA TYR A 143 -12.96 1.64 -1.46
C TYR A 143 -13.87 1.30 -2.64
N GLN A 144 -15.16 1.17 -2.34
CA GLN A 144 -16.21 0.95 -3.33
C GLN A 144 -17.38 1.79 -2.85
N PRO A 145 -17.97 2.61 -3.75
CA PRO A 145 -19.10 3.41 -3.30
C PRO A 145 -20.30 2.55 -2.93
N PRO A 146 -21.25 3.11 -2.15
CA PRO A 146 -22.40 2.33 -1.74
C PRO A 146 -23.35 2.07 -2.89
N ASN A 147 -24.37 1.26 -2.60
CA ASN A 147 -25.37 0.89 -3.58
C ASN A 147 -26.07 2.15 -4.13
N GLY A 148 -26.10 2.29 -5.45
CA GLY A 148 -26.73 3.44 -6.10
C GLY A 148 -25.83 4.60 -6.48
N VAL A 149 -24.61 4.63 -5.93
CA VAL A 149 -23.64 5.68 -6.21
C VAL A 149 -22.71 5.08 -7.26
N PRO A 150 -22.69 5.64 -8.49
CA PRO A 150 -21.83 5.07 -9.53
C PRO A 150 -20.37 5.42 -9.35
N ILE A 151 -19.50 4.56 -9.88
CA ILE A 151 -18.06 4.77 -9.79
C ILE A 151 -17.66 5.85 -10.81
N PHE A 152 -16.63 6.62 -10.47
CA PHE A 152 -16.06 7.63 -11.35
C PHE A 152 -14.66 7.07 -11.57
N THR A 153 -14.38 6.68 -12.81
CA THR A 153 -13.11 6.07 -13.18
C THR A 153 -12.56 6.53 -14.53
N LYS A 154 -11.25 6.63 -14.62
CA LYS A 154 -10.56 7.01 -15.85
C LYS A 154 -9.57 5.91 -16.27
N LEU A 155 -9.71 4.72 -15.67
CA LEU A 155 -8.86 3.57 -15.95
C LEU A 155 -8.97 3.12 -17.41
N GLY A 156 -7.83 3.12 -18.10
CA GLY A 156 -7.73 2.72 -19.51
C GLY A 156 -8.08 3.78 -20.54
N ARG A 157 -8.43 4.98 -20.07
CA ARG A 157 -8.85 6.09 -20.92
C ARG A 157 -7.77 7.02 -21.45
N TRP A 158 -6.52 6.92 -20.98
CA TRP A 158 -5.50 7.88 -21.42
C TRP A 158 -5.23 7.93 -22.94
N PRO A 159 -5.20 6.77 -23.63
CA PRO A 159 -4.99 6.83 -25.08
C PRO A 159 -6.05 7.69 -25.80
N ASN A 160 -7.32 7.56 -25.42
CA ASN A 160 -8.40 8.38 -26.00
C ASN A 160 -8.26 9.84 -25.59
N HIS A 161 -7.89 10.08 -24.33
CA HIS A 161 -7.69 11.45 -23.80
C HIS A 161 -6.51 12.14 -24.54
N TYR A 162 -5.48 11.38 -24.92
CA TYR A 162 -4.37 11.97 -25.67
C TYR A 162 -4.84 12.35 -27.07
N THR A 163 -5.59 11.45 -27.71
CA THR A 163 -6.12 11.65 -29.05
C THR A 163 -7.08 12.85 -29.11
N LYS A 164 -7.96 12.98 -28.12
CA LYS A 164 -8.90 14.11 -28.04
C LYS A 164 -8.10 15.42 -28.00
N ARG A 165 -7.02 15.44 -27.21
CA ARG A 165 -6.16 16.61 -27.09
C ARG A 165 -5.32 16.89 -28.35
N CYS A 166 -4.82 15.84 -29.02
CA CYS A 166 -4.06 16.03 -30.27
C CYS A 166 -4.99 16.51 -31.40
N LYS A 167 -6.24 16.05 -31.39
CA LYS A 167 -7.26 16.47 -32.37
C LYS A 167 -7.74 17.88 -32.03
N GLN A 168 -7.78 18.23 -30.73
CA GLN A 168 -8.19 19.58 -30.31
C GLN A 168 -7.14 20.61 -30.70
N GLU A 170 -5.25 20.38 -33.32
CA GLU A 170 -5.40 20.53 -34.80
C GLU A 170 -6.56 21.50 -35.04
N THR A 171 -7.69 21.24 -34.39
CA THR A 171 -8.91 22.06 -34.48
C THR A 171 -8.67 23.55 -34.19
N TRP A 172 -7.84 23.86 -33.17
CA TRP A 172 -7.52 25.26 -32.84
C TRP A 172 -6.72 26.01 -33.96
N LYS A 173 -6.14 25.28 -34.92
CA LYS A 173 -5.44 25.90 -36.06
C LYS A 173 -6.45 26.63 -36.97
N LEU A 174 -7.74 26.24 -36.88
CA LEU A 174 -8.82 26.86 -37.63
C LEU A 174 -8.95 28.30 -37.16
N ALA A 176 -6.78 29.82 -35.25
CA ALA A 176 -5.42 30.39 -35.25
C ALA A 176 -5.17 31.14 -36.56
N GLU A 177 -5.54 30.51 -37.68
CA GLU A 177 -5.40 31.12 -39.02
C GLU A 177 -6.30 32.38 -39.17
N ALA A 178 -7.38 32.46 -38.39
CA ALA A 178 -8.29 33.62 -38.41
C ALA A 178 -7.61 34.91 -37.94
N GLU A 179 -6.79 34.81 -36.89
CA GLU A 179 -6.04 35.94 -36.34
C GLU A 179 -4.69 36.05 -37.08
N LYS A 180 -4.75 36.59 -38.31
CA LYS A 180 -3.57 36.76 -39.20
C LYS A 180 -2.44 37.62 -38.63
N GLU A 181 -2.79 38.74 -37.98
CA GLU A 181 -1.83 39.66 -37.38
C GLU A 181 -1.77 39.46 -35.86
N ASP A 182 -1.22 38.32 -35.45
CA ASP A 182 -1.08 37.96 -34.03
C ASP A 182 0.16 37.07 -33.80
N PRO A 183 1.20 37.57 -33.08
CA PRO A 183 2.42 36.77 -32.83
C PRO A 183 2.23 35.38 -32.20
N PHE A 184 1.28 35.24 -31.28
CA PHE A 184 1.01 33.96 -30.63
C PHE A 184 0.52 32.95 -31.67
N SER A 185 -0.52 33.33 -32.40
CA SER A 185 -1.11 32.48 -33.45
C SER A 185 -0.18 32.23 -34.63
N GLN A 186 0.71 33.19 -34.92
CA GLN A 186 1.69 33.05 -36.01
C GLN A 186 2.69 31.96 -35.64
N LEU A 187 3.24 32.04 -34.43
CA LEU A 187 4.19 31.05 -33.93
C LEU A 187 3.51 29.67 -33.76
N TYR A 188 2.23 29.68 -33.36
CA TYR A 188 1.44 28.48 -33.18
C TYR A 188 1.30 27.72 -34.49
N LEU A 189 0.88 28.42 -35.54
CA LEU A 189 0.70 27.79 -36.87
C LEU A 189 2.03 27.24 -37.45
N GLN A 190 3.16 27.84 -37.09
CA GLN A 190 4.47 27.39 -37.57
C GLN A 190 5.06 26.14 -36.89
N GLU A 191 5.00 26.09 -35.56
CA GLU A 191 5.64 25.00 -34.79
C GLU A 191 4.77 23.92 -34.10
N ILE A 192 3.46 24.12 -34.00
CA ILE A 192 2.60 23.16 -33.28
C ILE A 192 2.56 21.71 -33.83
N ASP A 193 2.68 21.54 -35.14
CA ASP A 193 2.62 20.20 -35.77
C ASP A 193 3.61 19.19 -35.17
N GLY A 194 4.81 19.65 -34.84
CA GLY A 194 5.86 18.81 -34.24
C GLY A 194 5.49 18.27 -32.87
N PHE A 195 4.75 19.07 -32.10
CA PHE A 195 4.31 18.68 -30.76
C PHE A 195 3.08 17.76 -30.84
N ILE A 196 2.24 17.95 -31.86
CA ILE A 196 1.06 17.10 -32.10
C ILE A 196 1.54 15.72 -32.51
N GLU A 197 2.49 15.67 -33.46
CA GLU A 197 3.07 14.43 -33.94
C GLU A 197 3.65 13.66 -32.76
N ASP A 198 4.46 14.32 -31.94
CA ASP A 198 5.05 13.68 -30.75
C ASP A 198 3.97 13.21 -29.76
N GLY A 199 2.86 13.95 -29.63
CA GLY A 199 1.76 13.57 -28.75
C GLY A 199 1.18 12.21 -29.13
N LEU A 200 0.94 12.02 -30.44
CA LEU A 200 0.42 10.75 -30.96
C LEU A 200 1.46 9.61 -30.92
N ARG A 201 2.74 9.96 -30.93
CA ARG A 201 3.84 9.01 -30.88
C ARG A 201 3.95 8.52 -29.42
N ILE A 202 3.68 9.41 -28.48
CA ILE A 202 3.67 9.11 -27.04
C ILE A 202 2.48 8.18 -26.74
N LYS A 203 1.36 8.36 -27.46
CA LYS A 203 0.21 7.48 -27.31
C LYS A 203 0.65 6.06 -27.71
N ASP A 204 1.33 5.96 -28.85
CA ASP A 204 1.82 4.67 -29.35
C ASP A 204 2.79 4.04 -28.36
N ARG A 205 3.68 4.84 -27.77
CA ARG A 205 4.60 4.29 -26.75
C ARG A 205 3.80 3.77 -25.54
N LEU A 206 2.76 4.51 -25.12
CA LEU A 206 1.92 4.09 -23.98
C LEU A 206 1.23 2.76 -24.24
N LEU A 207 0.73 2.55 -25.47
CA LEU A 207 0.07 1.29 -25.82
C LEU A 207 1.02 0.08 -25.89
N GLN A 208 2.34 0.33 -25.95
CA GLN A 208 3.34 -0.76 -25.92
C GLN A 208 3.88 -1.02 -24.49
N SER A 209 3.56 -0.12 -23.54
CA SER A 209 3.98 -0.26 -22.15
C SER A 209 3.00 -1.20 -21.45
N THR A 210 3.15 -1.38 -20.14
CA THR A 210 2.23 -2.22 -19.35
C THR A 210 0.96 -1.43 -18.93
N TYR A 211 0.73 -0.24 -19.51
CA TYR A 211 -0.44 0.57 -19.20
C TYR A 211 -1.75 -0.18 -19.21
N VAL A 212 -2.06 -0.87 -20.30
CA VAL A 212 -3.32 -1.60 -20.42
C VAL A 212 -3.44 -2.71 -19.37
N PRO A 213 -2.47 -3.65 -19.29
CA PRO A 213 -2.64 -4.69 -18.24
C PRO A 213 -2.69 -4.13 -16.83
N TRP A 214 -1.96 -3.05 -16.59
CA TRP A 214 -1.98 -2.42 -15.28
C TRP A 214 -3.36 -1.82 -15.01
N THR A 215 -3.92 -1.07 -15.96
CA THR A 215 -5.25 -0.48 -15.74
C THR A 215 -6.30 -1.59 -15.54
N GLU A 216 -6.21 -2.66 -16.33
CA GLU A 216 -7.14 -3.81 -16.17
C GLU A 216 -7.04 -4.52 -14.81
N GLN A 217 -5.83 -4.58 -14.24
N GLN A 217 -5.81 -4.57 -14.28
CA GLN A 217 -5.64 -5.21 -12.95
CA GLN A 217 -5.51 -5.14 -12.96
C GLN A 217 -6.25 -4.29 -11.87
C GLN A 217 -6.20 -4.29 -11.89
N LEU A 218 -6.06 -2.96 -12.02
CA LEU A 218 -6.65 -2.01 -11.06
C LEU A 218 -8.18 -1.87 -11.17
N LYS A 219 -8.81 -2.17 -12.32
CA LYS A 219 -10.28 -2.09 -12.40
C LYS A 219 -10.94 -3.04 -11.38
N LYS A 220 -10.23 -4.12 -11.05
CA LYS A 220 -10.69 -5.11 -10.11
C LYS A 220 -10.52 -4.65 -8.64
N SER A 221 -9.42 -3.99 -8.30
CA SER A 221 -9.16 -3.48 -6.92
C SER A 221 -8.43 -2.13 -7.05
N PRO A 222 -9.18 -1.06 -7.38
CA PRO A 222 -8.56 0.24 -7.65
C PRO A 222 -8.24 1.17 -6.52
N ASN A 223 -7.24 1.99 -6.76
CA ASN A 223 -6.88 3.05 -5.85
C ASN A 223 -7.53 4.33 -6.40
N LEU A 224 -7.66 5.32 -5.54
CA LEU A 224 -8.19 6.60 -5.94
C LEU A 224 -7.05 7.53 -6.28
N CYS A 225 -7.26 8.40 -7.26
CA CYS A 225 -6.31 9.48 -7.57
C CYS A 225 -6.99 10.70 -7.03
N HIS A 226 -6.22 11.58 -6.39
CA HIS A 226 -6.78 12.81 -5.84
C HIS A 226 -7.24 13.75 -6.95
N GLN A 227 -6.42 13.87 -7.99
CA GLN A 227 -6.66 14.71 -9.20
C GLN A 227 -6.51 16.24 -9.08
N ASP A 228 -6.13 16.72 -7.91
CA ASP A 228 -5.87 18.16 -7.69
C ASP A 228 -4.98 18.29 -6.45
N TYR A 229 -4.00 17.41 -6.34
CA TYR A 229 -3.12 17.33 -5.19
C TYR A 229 -2.03 18.40 -5.23
N GLY A 230 -1.92 19.16 -4.16
CA GLY A 230 -0.93 20.21 -4.07
C GLY A 230 -0.85 20.83 -2.69
N THR A 231 -0.14 21.94 -2.63
CA THR A 231 0.04 22.67 -1.39
C THR A 231 -1.25 23.31 -0.86
N GLY A 232 -2.25 23.51 -1.72
CA GLY A 232 -3.56 24.08 -1.31
C GLY A 232 -4.47 23.09 -0.59
N ASN A 233 -4.31 21.79 -0.86
CA ASN A 233 -5.10 20.69 -0.29
C ASN A 233 -4.36 19.75 0.69
N THR A 234 -3.21 20.16 1.22
CA THR A 234 -2.46 19.32 2.15
C THR A 234 -1.94 20.16 3.29
N LEU A 235 -1.66 19.50 4.42
CA LEU A 235 -1.18 20.16 5.61
C LEU A 235 -0.33 19.25 6.47
N LEU A 236 0.53 19.86 7.27
CA LEU A 236 1.35 19.14 8.21
C LEU A 236 0.72 19.48 9.54
N GLY A 237 0.18 18.47 10.24
CA GLY A 237 -0.46 18.63 11.54
C GLY A 237 0.50 18.21 12.62
N GLU A 238 0.00 18.00 13.83
CA GLU A 238 0.85 17.59 14.96
C GLU A 238 1.47 16.20 14.75
N ASN A 239 2.64 15.98 15.36
CA ASN A 239 3.43 14.72 15.26
C ASN A 239 3.83 14.41 13.81
N GLU A 240 4.13 15.48 13.07
CA GLU A 240 4.53 15.44 11.65
C GLU A 240 3.61 14.56 10.75
N GLN A 241 2.31 14.62 11.01
CA GLN A 241 1.31 13.89 10.26
C GLN A 241 0.88 14.70 9.05
N ILE A 242 0.85 14.06 7.89
CA ILE A 242 0.48 14.70 6.66
C ILE A 242 -1.01 14.44 6.45
N TRP A 243 -1.78 15.51 6.25
CA TRP A 243 -3.21 15.42 6.02
C TRP A 243 -3.58 15.84 4.63
N VAL A 244 -4.55 15.14 4.02
CA VAL A 244 -5.07 15.45 2.69
C VAL A 244 -6.47 16.00 2.96
N ILE A 245 -6.73 17.24 2.54
CA ILE A 245 -7.98 17.95 2.83
C ILE A 245 -9.18 18.00 1.88
N ASP A 246 -8.99 18.19 0.58
CA ASP A 246 -10.14 18.35 -0.34
C ASP A 246 -10.26 17.17 -1.26
N LEU A 247 -11.21 16.28 -1.01
CA LEU A 247 -11.39 15.08 -1.83
C LEU A 247 -12.52 15.18 -2.85
N ASP A 248 -12.97 16.38 -3.18
CA ASP A 248 -14.08 16.58 -4.13
C ASP A 248 -13.89 16.07 -5.56
N THR A 249 -12.65 15.94 -6.02
CA THR A 249 -12.36 15.49 -7.39
C THR A 249 -11.76 14.09 -7.49
N VAL A 250 -11.84 13.28 -6.44
CA VAL A 250 -11.26 11.94 -6.49
C VAL A 250 -11.95 11.04 -7.51
N SER A 251 -11.17 10.15 -8.12
CA SER A 251 -11.69 9.19 -9.08
C SER A 251 -10.67 8.09 -9.15
N PHE A 252 -11.06 6.96 -9.71
CA PHE A 252 -10.16 5.83 -9.84
C PHE A 252 -9.25 6.00 -11.05
N ASP A 253 -7.94 5.92 -10.83
CA ASP A 253 -6.98 6.02 -11.93
C ASP A 253 -5.64 5.54 -11.39
N LEU A 254 -4.70 5.27 -12.28
CA LEU A 254 -3.37 4.82 -11.90
C LEU A 254 -2.75 5.86 -10.96
N PRO A 255 -2.06 5.41 -9.90
CA PRO A 255 -1.47 6.34 -8.93
C PRO A 255 -0.45 7.30 -9.54
N ILE A 256 0.22 6.89 -10.61
CA ILE A 256 1.20 7.75 -11.27
C ILE A 256 0.60 9.06 -11.85
N ARG A 257 -0.71 9.09 -12.06
CA ARG A 257 -1.35 10.31 -12.53
C ARG A 257 -1.09 11.47 -11.55
N ASP A 258 -1.26 11.22 -10.25
CA ASP A 258 -1.01 12.26 -9.25
C ASP A 258 0.47 12.69 -9.25
N LEU A 259 1.40 11.76 -9.50
CA LEU A 259 2.83 12.14 -9.54
C LEU A 259 3.12 13.08 -10.69
N ARG A 260 2.64 12.74 -11.88
CA ARG A 260 2.85 13.59 -13.04
C ARG A 260 2.29 14.98 -12.82
N LYS A 261 1.04 14.97 -12.42
CA LYS A 261 0.24 16.18 -12.23
C LYS A 261 0.82 17.11 -11.15
N ILE A 263 4.51 16.78 -10.14
CA ILE A 263 5.92 17.00 -10.49
C ILE A 263 6.19 17.83 -11.77
N ILE A 264 5.46 17.56 -12.84
CA ILE A 264 5.72 18.26 -14.11
C ILE A 264 5.45 19.78 -14.03
N PRO A 265 4.31 20.22 -13.45
CA PRO A 265 4.11 21.67 -13.31
C PRO A 265 5.11 22.35 -12.39
N LEU A 266 5.58 21.65 -11.36
CA LEU A 266 6.55 22.19 -10.42
C LEU A 266 7.90 22.43 -11.08
N LEU A 267 8.31 21.52 -11.95
CA LEU A 267 9.58 21.61 -12.70
C LEU A 267 9.48 22.43 -13.99
N ASP A 268 8.31 23.02 -14.30
CA ASP A 268 8.13 23.83 -15.51
C ASP A 268 9.15 24.97 -15.45
N THR A 269 9.97 25.04 -16.50
CA THR A 269 11.05 26.00 -16.62
C THR A 269 11.56 26.09 -18.04
N THR A 270 12.16 27.23 -18.39
CA THR A 270 12.81 27.45 -19.68
C THR A 270 14.32 27.27 -19.51
N GLY A 271 14.78 27.04 -18.28
CA GLY A 271 16.20 26.88 -17.96
C GLY A 271 16.69 25.44 -17.89
N VAL A 272 16.96 24.97 -16.67
CA VAL A 272 17.50 23.64 -16.45
C VAL A 272 16.52 22.72 -15.75
N TRP A 273 16.48 21.46 -16.20
CA TRP A 273 15.64 20.46 -15.60
C TRP A 273 16.24 20.16 -14.22
N ASP A 274 15.44 20.34 -13.18
CA ASP A 274 15.87 20.12 -11.81
C ASP A 274 15.77 18.64 -11.46
N ASP A 275 16.80 17.88 -11.82
CA ASP A 275 16.81 16.41 -11.54
C ASP A 275 16.91 16.08 -10.05
N GLU A 276 17.54 16.93 -9.25
CA GLU A 276 17.65 16.73 -7.81
C GLU A 276 16.26 16.73 -7.19
N THR A 277 15.47 17.76 -7.51
CA THR A 277 14.10 17.84 -7.00
C THR A 277 13.27 16.65 -7.51
N PHE A 278 13.47 16.24 -8.75
CA PHE A 278 12.75 15.11 -9.32
C PHE A 278 13.06 13.84 -8.50
N ASN A 279 14.34 13.65 -8.18
CA ASN A 279 14.79 12.50 -7.39
C ASN A 279 14.25 12.51 -5.98
N VAL A 280 14.35 13.66 -5.32
CA VAL A 280 13.83 13.81 -3.96
C VAL A 280 12.35 13.43 -3.88
N LEU A 282 10.44 11.48 -6.16
CA LEU A 282 10.17 10.08 -6.45
C LEU A 282 10.71 9.18 -5.38
N ASN A 283 11.89 9.49 -4.86
CA ASN A 283 12.46 8.68 -3.77
C ASN A 283 11.52 8.68 -2.56
N ALA A 284 10.98 9.86 -2.20
CA ALA A 284 10.07 9.98 -1.06
C ALA A 284 8.77 9.21 -1.30
N TYR A 285 8.21 9.33 -2.50
CA TYR A 285 7.01 8.57 -2.83
C TYR A 285 7.29 7.07 -2.77
N GLU A 286 8.36 6.63 -3.43
CA GLU A 286 8.71 5.21 -3.48
C GLU A 286 9.12 4.58 -2.15
N SER A 287 9.48 5.39 -1.15
CA SER A 287 9.84 4.86 0.17
C SER A 287 8.59 4.25 0.84
N ARG A 288 7.38 4.70 0.47
CA ARG A 288 6.12 4.12 1.00
C ARG A 288 5.29 3.34 -0.01
N ALA A 289 5.33 3.71 -1.28
CA ALA A 289 4.58 3.02 -2.33
C ALA A 289 5.54 2.79 -3.49
N PRO A 290 6.38 1.75 -3.37
CA PRO A 290 7.35 1.51 -4.45
C PRO A 290 6.68 1.09 -5.76
N LEU A 291 7.32 1.47 -6.86
CA LEU A 291 6.87 1.24 -8.20
C LEU A 291 7.86 0.35 -8.94
N THR A 292 7.36 -0.56 -9.78
CA THR A 292 8.25 -1.43 -10.56
C THR A 292 8.81 -0.59 -11.69
N GLU A 293 9.80 -1.13 -12.37
CA GLU A 293 10.39 -0.45 -13.52
C GLU A 293 9.37 -0.23 -14.63
N GLU A 294 8.51 -1.21 -14.86
CA GLU A 294 7.49 -1.13 -15.89
C GLU A 294 6.49 -0.02 -15.56
N GLN A 295 6.09 0.07 -14.29
CA GLN A 295 5.15 1.10 -13.81
C GLN A 295 5.74 2.49 -13.98
N LYS A 296 7.03 2.64 -13.68
CA LYS A 296 7.72 3.90 -13.85
C LYS A 296 7.81 4.26 -15.34
N GLN A 297 7.99 3.27 -16.22
CA GLN A 297 8.05 3.55 -17.66
C GLN A 297 6.74 4.19 -18.11
N VAL A 298 5.61 3.65 -17.64
CA VAL A 298 4.29 4.19 -17.96
C VAL A 298 4.22 5.65 -17.52
N PHE A 300 6.80 7.84 -16.99
CA PHE A 300 7.68 8.68 -17.80
C PHE A 300 7.11 8.95 -19.19
N ILE A 301 6.41 7.98 -19.76
CA ILE A 301 5.76 8.13 -21.05
C ILE A 301 4.67 9.18 -20.92
N ASP A 302 3.85 9.07 -19.87
CA ASP A 302 2.77 10.01 -19.61
C ASP A 302 3.33 11.41 -19.38
N LEU A 304 5.86 12.76 -20.74
CA LEU A 304 6.28 13.35 -22.03
C LEU A 304 5.12 13.99 -22.78
N PHE A 305 3.88 13.60 -22.51
CA PHE A 305 2.74 14.16 -23.23
C PHE A 305 2.66 15.66 -22.92
N PRO A 306 2.41 16.51 -23.93
CA PRO A 306 2.38 17.96 -23.67
C PRO A 306 1.17 18.53 -22.90
N TYR A 307 0.93 18.07 -21.68
CA TYR A 307 -0.18 18.58 -20.88
C TYR A 307 -0.05 20.05 -20.52
N GLU A 308 1.17 20.49 -20.18
CA GLU A 308 1.41 21.88 -19.80
C GLU A 308 1.34 22.83 -20.99
N LEU A 309 1.75 22.34 -22.16
CA LEU A 309 1.66 23.12 -23.39
C LEU A 309 0.18 23.34 -23.72
N TYR A 310 -0.62 22.28 -23.59
CA TYR A 310 -2.07 22.32 -23.82
C TYR A 310 -2.74 23.37 -22.95
N ASP A 311 -2.41 23.38 -21.65
CA ASP A 311 -2.97 24.35 -20.69
C ASP A 311 -2.67 25.79 -21.15
N VAL A 312 -1.47 26.05 -21.68
CA VAL A 312 -1.10 27.38 -22.15
C VAL A 312 -1.89 27.75 -23.41
N ILE A 313 -2.13 26.78 -24.29
CA ILE A 313 -2.89 26.98 -25.52
C ILE A 313 -4.38 27.23 -25.18
N ARG A 314 -4.91 26.46 -24.23
CA ARG A 314 -6.29 26.60 -23.77
C ARG A 314 -6.58 28.02 -23.23
N GLU A 315 -5.59 28.65 -22.59
CA GLU A 315 -5.76 30.04 -22.09
C GLU A 315 -6.00 31.02 -23.22
N LYS A 316 -5.33 30.83 -24.37
CA LYS A 316 -5.47 31.73 -25.51
C LYS A 316 -6.69 31.49 -26.40
N TYR A 317 -7.08 30.24 -26.65
CA TYR A 317 -8.22 30.00 -27.57
C TYR A 317 -9.59 29.72 -26.92
N VAL A 318 -9.62 28.95 -25.83
CA VAL A 318 -10.90 28.69 -25.15
C VAL A 318 -11.26 29.87 -24.26
N ARG A 319 -10.38 30.21 -23.32
N ARG A 319 -10.38 30.21 -23.32
CA ARG A 319 -10.61 31.32 -22.38
CA ARG A 319 -10.61 31.32 -22.37
C ARG A 319 -10.42 32.71 -23.05
C ARG A 319 -10.41 32.71 -23.04
N LYS A 320 -9.77 32.75 -24.21
CA LYS A 320 -9.52 34.00 -24.99
C LYS A 320 -8.68 35.11 -24.28
N SER A 321 -7.72 34.68 -23.48
CA SER A 321 -6.81 35.57 -22.77
C SER A 321 -5.69 35.91 -23.76
N ALA A 322 -5.60 37.17 -24.18
CA ALA A 322 -4.58 37.60 -25.17
C ALA A 322 -3.11 37.50 -24.70
N LEU A 323 -2.59 36.27 -24.58
CA LEU A 323 -1.21 36.02 -24.15
C LEU A 323 -0.20 36.36 -25.26
N PRO A 324 1.03 36.78 -24.88
CA PRO A 324 2.04 37.12 -25.90
C PRO A 324 2.84 35.91 -26.37
N LYS A 325 3.60 36.12 -27.45
CA LYS A 325 4.46 35.11 -28.07
C LYS A 325 5.42 34.40 -27.11
N GLU A 326 5.98 35.16 -26.16
CA GLU A 326 6.93 34.65 -25.16
C GLU A 326 6.39 33.48 -24.35
N GLU A 327 5.12 33.51 -23.96
CA GLU A 327 4.53 32.40 -23.18
C GLU A 327 4.34 31.09 -23.97
N LEU A 328 4.17 31.18 -25.29
CA LEU A 328 4.03 30.00 -26.14
C LEU A 328 5.41 29.37 -26.32
N GLU A 329 6.40 30.19 -26.66
CA GLU A 329 7.78 29.74 -26.85
C GLU A 329 8.36 29.15 -25.56
N SER A 330 7.97 29.74 -24.42
CA SER A 330 8.38 29.29 -23.10
C SER A 330 7.76 27.91 -22.80
N ALA A 331 6.52 27.69 -23.27
CA ALA A 331 5.84 26.41 -23.12
C ALA A 331 6.46 25.37 -24.06
N PHE A 332 6.83 25.76 -25.28
CA PHE A 332 7.49 24.83 -26.21
C PHE A 332 8.85 24.43 -25.68
N GLU A 333 9.59 25.39 -25.14
CA GLU A 333 10.92 25.14 -24.60
C GLU A 333 10.88 24.14 -23.45
N TYR A 334 9.90 24.22 -22.55
CA TYR A 334 9.80 23.26 -21.44
C TYR A 334 9.55 21.86 -21.97
N GLU A 335 8.73 21.72 -23.01
CA GLU A 335 8.48 20.40 -23.60
C GLU A 335 9.76 19.83 -24.20
N ARG A 336 10.61 20.67 -24.81
CA ARG A 336 11.88 20.20 -25.38
C ARG A 336 12.83 19.80 -24.24
N ILE A 337 12.95 20.65 -23.21
CA ILE A 337 13.81 20.38 -22.03
C ILE A 337 13.44 19.07 -21.36
N LYS A 338 12.13 18.87 -21.18
CA LYS A 338 11.57 17.67 -20.55
C LYS A 338 11.80 16.42 -21.43
N ALA A 339 11.67 16.57 -22.74
CA ALA A 339 11.92 15.47 -23.69
C ALA A 339 13.38 14.97 -23.55
N ASN A 340 14.32 15.90 -23.46
CA ASN A 340 15.73 15.54 -23.27
C ASN A 340 16.00 14.87 -21.93
N ALA A 341 15.35 15.35 -20.88
CA ALA A 341 15.51 14.80 -19.54
C ALA A 341 14.97 13.39 -19.39
N LEU A 342 13.88 13.06 -20.07
CA LEU A 342 13.25 11.75 -19.97
C LEU A 342 13.52 10.77 -21.13
N ARG A 343 14.30 11.17 -22.13
CA ARG A 343 14.58 10.32 -23.29
C ARG A 343 15.09 8.91 -22.96
N GLN A 344 15.97 8.78 -21.97
CA GLN A 344 16.52 7.48 -21.59
C GLN A 344 15.63 6.66 -20.66
N LEU A 345 14.56 7.24 -20.15
CA LEU A 345 13.65 6.58 -19.22
C LEU A 345 12.39 5.97 -19.82
N ILE A 346 12.04 6.36 -21.03
CA ILE A 346 10.83 5.85 -21.69
C ILE A 346 11.07 4.49 -22.38
N LEU B 11 27.13 -29.33 13.84
CA LEU B 11 28.06 -29.73 12.76
C LEU B 11 29.42 -30.11 13.34
N SER B 12 29.95 -31.27 12.93
CA SER B 12 31.24 -31.77 13.42
C SER B 12 32.42 -31.24 12.62
N ALA B 13 33.52 -31.98 12.64
CA ALA B 13 34.75 -31.63 11.93
C ALA B 13 34.58 -31.93 10.44
N GLU B 14 34.45 -33.22 10.12
CA GLU B 14 34.26 -33.69 8.74
C GLU B 14 32.96 -33.20 8.10
N ASP B 15 31.93 -32.97 8.93
CA ASP B 15 30.62 -32.48 8.47
C ASP B 15 30.70 -31.01 7.97
N ALA B 16 31.64 -30.23 8.52
CA ALA B 16 31.85 -28.82 8.13
C ALA B 16 32.67 -28.72 6.83
N LYS B 17 33.67 -29.59 6.68
CA LYS B 17 34.51 -29.62 5.49
C LYS B 17 33.71 -30.08 4.26
N LYS B 18 32.74 -30.98 4.47
CA LYS B 18 31.86 -31.48 3.41
C LYS B 18 30.98 -30.37 2.84
N LEU B 19 30.34 -29.60 3.73
CA LEU B 19 29.48 -28.47 3.34
C LEU B 19 30.28 -27.33 2.66
N THR B 20 31.54 -27.13 3.05
CA THR B 20 32.40 -26.12 2.44
C THR B 20 32.71 -26.55 1.00
N GLU B 21 33.00 -27.84 0.79
CA GLU B 21 33.26 -28.38 -0.56
C GLU B 21 32.01 -28.27 -1.45
N LEU B 22 30.82 -28.47 -0.87
CA LEU B 22 29.55 -28.34 -1.61
C LEU B 22 29.36 -26.91 -2.11
N ALA B 23 29.67 -25.94 -1.25
CA ALA B 23 29.56 -24.52 -1.58
C ALA B 23 30.48 -24.20 -2.75
N GLU B 24 31.77 -24.46 -2.58
CA GLU B 24 32.81 -24.21 -3.61
C GLU B 24 32.47 -24.80 -5.00
N ASN B 25 31.81 -25.96 -5.00
CA ASN B 25 31.43 -26.67 -6.22
C ASN B 25 30.33 -25.95 -7.01
N VAL B 26 29.18 -25.77 -6.37
CA VAL B 26 28.03 -25.10 -6.98
C VAL B 26 28.26 -23.60 -7.26
N LEU B 27 29.16 -22.99 -6.48
CA LEU B 27 29.48 -21.56 -6.59
C LEU B 27 30.33 -21.25 -7.86
N GLN B 28 30.83 -22.29 -8.55
CA GLN B 28 31.55 -22.15 -9.82
C GLN B 28 30.57 -21.73 -10.93
N GLY B 29 29.27 -21.95 -10.71
CA GLY B 29 28.21 -21.57 -11.64
C GLY B 29 28.00 -20.05 -11.72
N TRP B 30 28.43 -19.35 -10.65
CA TRP B 30 28.40 -17.89 -10.52
C TRP B 30 29.84 -17.39 -10.67
N ASP B 31 29.97 -16.08 -10.87
CA ASP B 31 31.26 -15.42 -11.06
C ASP B 31 31.49 -14.54 -9.85
N VAL B 32 31.81 -15.22 -8.74
CA VAL B 32 32.11 -14.61 -7.45
C VAL B 32 33.45 -15.21 -6.95
N GLN B 33 34.44 -14.36 -6.70
CA GLN B 33 35.75 -14.80 -6.21
C GLN B 33 35.62 -15.19 -4.74
N ALA B 34 35.34 -16.48 -4.50
CA ALA B 34 35.16 -17.02 -3.14
C ALA B 34 36.48 -17.11 -2.38
N GLU B 35 36.63 -16.29 -1.32
CA GLU B 35 37.83 -16.26 -0.48
C GLU B 35 37.64 -17.19 0.73
N LYS B 36 36.79 -16.77 1.68
CA LYS B 36 36.48 -17.55 2.89
C LYS B 36 34.99 -17.89 2.85
N ILE B 37 34.65 -19.11 3.26
CA ILE B 37 33.26 -19.60 3.29
C ILE B 37 32.89 -20.07 4.70
N ASP B 38 31.89 -19.43 5.31
CA ASP B 38 31.41 -19.74 6.65
C ASP B 38 30.06 -20.44 6.60
N VAL B 39 29.96 -21.62 7.20
CA VAL B 39 28.69 -22.38 7.23
C VAL B 39 27.84 -21.82 8.35
N ILE B 40 26.53 -21.70 8.15
CA ILE B 40 25.59 -21.17 9.17
C ILE B 40 24.45 -22.17 9.44
N ALA B 46 17.40 -25.82 6.22
CA ALA B 46 17.87 -25.14 5.01
C ALA B 46 19.33 -24.68 5.18
N LEU B 47 20.21 -25.06 4.25
CA LEU B 47 21.65 -24.71 4.32
C LEU B 47 21.89 -23.26 3.89
N VAL B 48 22.71 -22.54 4.64
CA VAL B 48 23.05 -21.15 4.36
C VAL B 48 24.53 -20.94 4.65
N TRP B 49 25.20 -20.23 3.73
CA TRP B 49 26.62 -19.91 3.84
C TRP B 49 26.87 -18.44 3.64
N LYS B 50 27.87 -17.90 4.34
CA LYS B 50 28.28 -16.51 4.19
C LYS B 50 29.58 -16.63 3.43
N VAL B 51 29.58 -16.17 2.18
CA VAL B 51 30.74 -16.21 1.30
C VAL B 51 31.41 -14.83 1.22
N HIS B 52 32.68 -14.77 1.59
CA HIS B 52 33.48 -13.53 1.56
C HIS B 52 34.17 -13.36 0.21
N THR B 53 34.01 -12.17 -0.39
CA THR B 53 34.59 -11.80 -1.69
C THR B 53 35.70 -10.78 -1.48
N ASP B 54 36.33 -10.33 -2.57
CA ASP B 54 37.43 -9.31 -2.56
C ASP B 54 37.38 -8.23 -1.44
N SER B 55 36.17 -7.70 -1.16
CA SER B 55 35.96 -6.69 -0.11
C SER B 55 34.46 -6.41 0.06
N GLY B 56 33.77 -7.38 0.67
CA GLY B 56 32.32 -7.34 0.93
C GLY B 56 31.88 -8.73 1.36
N ALA B 57 30.67 -9.14 0.95
CA ALA B 57 30.14 -10.47 1.28
C ALA B 57 28.88 -10.85 0.49
N VAL B 58 28.70 -12.15 0.28
CA VAL B 58 27.55 -12.71 -0.45
C VAL B 58 26.95 -13.93 0.29
N CYS B 59 25.66 -14.18 0.06
CA CYS B 59 24.93 -15.28 0.71
C CYS B 59 24.48 -16.40 -0.23
N LEU B 60 24.95 -17.61 0.03
CA LEU B 60 24.56 -18.78 -0.74
C LEU B 60 23.57 -19.53 0.14
N LYS B 61 22.46 -19.97 -0.44
CA LYS B 61 21.41 -20.69 0.27
C LYS B 61 20.97 -21.88 -0.55
N ARG B 62 20.83 -23.06 0.07
CA ARG B 62 20.31 -24.26 -0.60
C ARG B 62 18.87 -24.27 -0.12
N ILE B 63 17.93 -24.10 -1.05
CA ILE B 63 16.51 -24.06 -0.71
C ILE B 63 16.01 -25.47 -0.38
N HIS B 64 15.32 -25.59 0.76
CA HIS B 64 14.75 -26.85 1.25
C HIS B 64 13.23 -26.79 0.99
N ARG B 65 12.86 -26.87 -0.30
CA ARG B 65 11.48 -26.84 -0.77
C ARG B 65 11.26 -27.63 -2.07
N PRO B 66 9.96 -27.94 -2.40
CA PRO B 66 9.70 -28.60 -3.70
C PRO B 66 9.88 -27.53 -4.78
N GLU B 67 10.48 -27.90 -5.94
CA GLU B 67 10.76 -26.94 -7.04
C GLU B 67 9.65 -25.89 -7.34
N LYS B 68 8.37 -26.27 -7.27
CA LYS B 68 7.27 -25.36 -7.53
C LYS B 68 7.22 -24.23 -6.49
N LYS B 69 7.24 -24.58 -5.21
CA LYS B 69 7.20 -23.58 -4.11
C LYS B 69 8.50 -22.79 -4.01
N ALA B 70 9.62 -23.42 -4.38
CA ALA B 70 10.90 -22.77 -4.36
C ALA B 70 10.88 -21.63 -5.37
N LEU B 71 10.52 -21.93 -6.61
CA LEU B 71 10.45 -20.94 -7.68
C LEU B 71 9.48 -19.80 -7.37
N PHE B 72 8.34 -20.11 -6.76
CA PHE B 72 7.37 -19.07 -6.41
C PHE B 72 8.03 -18.01 -5.52
N SER B 73 8.76 -18.45 -4.49
CA SER B 73 9.42 -17.54 -3.57
C SER B 73 10.63 -16.80 -4.19
N ILE B 74 11.40 -17.50 -5.03
CA ILE B 74 12.58 -16.92 -5.67
C ILE B 74 12.17 -15.75 -6.58
N PHE B 75 11.19 -15.99 -7.45
CA PHE B 75 10.69 -14.93 -8.34
C PHE B 75 9.98 -13.83 -7.55
N ALA B 76 9.40 -14.16 -6.40
CA ALA B 76 8.77 -13.18 -5.53
C ALA B 76 9.85 -12.24 -4.97
N GLN B 77 10.97 -12.81 -4.55
CA GLN B 77 12.07 -12.01 -4.01
C GLN B 77 12.70 -11.14 -5.10
N ASP B 78 12.86 -11.68 -6.31
CA ASP B 78 13.42 -10.91 -7.41
C ASP B 78 12.50 -9.72 -7.74
N TYR B 79 11.19 -9.98 -7.79
CA TYR B 79 10.19 -8.93 -8.04
C TYR B 79 10.30 -7.79 -7.03
N LEU B 80 10.34 -8.14 -5.75
CA LEU B 80 10.45 -7.16 -4.65
C LEU B 80 11.76 -6.39 -4.67
N ALA B 81 12.88 -7.07 -4.85
CA ALA B 81 14.19 -6.42 -4.90
C ALA B 81 14.21 -5.37 -6.00
N LYS B 82 13.76 -5.77 -7.19
CA LYS B 82 13.72 -4.88 -8.36
C LYS B 82 12.71 -3.74 -8.24
N LYS B 83 11.69 -3.92 -7.42
CA LYS B 83 10.67 -2.92 -7.19
C LYS B 83 11.12 -1.86 -6.18
N GLY B 84 12.19 -2.13 -5.43
CA GLY B 84 12.70 -1.19 -4.40
C GLY B 84 12.45 -1.61 -2.96
N ASN B 86 13.02 -3.54 0.48
CA ASN B 86 14.26 -3.95 1.14
C ASN B 86 14.33 -5.46 1.44
N VAL B 87 14.58 -6.25 0.40
CA VAL B 87 14.79 -7.69 0.52
C VAL B 87 16.11 -7.85 -0.20
N PRO B 88 16.96 -8.81 0.22
CA PRO B 88 18.25 -8.95 -0.48
C PRO B 88 18.05 -9.27 -1.96
N GLY B 89 18.84 -8.62 -2.81
CA GLY B 89 18.76 -8.85 -4.24
C GLY B 89 19.48 -10.13 -4.62
N ILE B 90 18.99 -10.77 -5.68
CA ILE B 90 19.55 -12.01 -6.18
C ILE B 90 20.57 -11.73 -7.28
N LEU B 91 21.75 -12.34 -7.17
CA LEU B 91 22.80 -12.18 -8.17
C LEU B 91 22.64 -13.24 -9.26
N PRO B 92 22.42 -12.84 -10.53
CA PRO B 92 22.31 -13.85 -11.58
C PRO B 92 23.59 -14.67 -11.76
N ASN B 93 23.46 -15.93 -12.18
CA ASN B 93 24.63 -16.81 -12.41
C ASN B 93 25.15 -16.59 -13.82
N LYS B 94 26.20 -17.33 -14.18
CA LYS B 94 26.82 -17.23 -15.50
C LYS B 94 25.85 -17.42 -16.68
N LYS B 95 24.79 -18.23 -16.50
CA LYS B 95 23.78 -18.46 -17.54
C LYS B 95 22.64 -17.44 -17.53
N GLY B 96 22.66 -16.49 -16.60
CA GLY B 96 21.61 -15.48 -16.49
C GLY B 96 20.41 -15.89 -15.71
N SER B 97 20.47 -17.03 -15.04
CA SER B 97 19.35 -17.52 -14.25
C SER B 97 19.47 -17.04 -12.81
N LEU B 98 18.34 -16.99 -12.12
CA LEU B 98 18.31 -16.62 -10.71
C LEU B 98 18.72 -17.77 -9.78
N TYR B 99 18.83 -18.99 -10.30
CA TYR B 99 19.17 -20.15 -9.50
C TYR B 99 19.77 -21.24 -10.35
N SER B 100 20.33 -22.24 -9.68
CA SER B 100 20.86 -23.41 -10.36
C SER B 100 20.35 -24.63 -9.59
N LYS B 101 19.98 -25.66 -10.35
CA LYS B 101 19.46 -26.90 -9.81
C LYS B 101 20.55 -27.95 -9.87
N HIS B 102 20.86 -28.56 -8.72
CA HIS B 102 21.83 -29.66 -8.62
C HIS B 102 21.11 -30.75 -7.84
N GLY B 103 20.67 -31.78 -8.56
CA GLY B 103 19.93 -32.90 -7.97
C GLY B 103 18.52 -32.46 -7.60
N SER B 104 18.12 -32.75 -6.36
CA SER B 104 16.79 -32.40 -5.85
C SER B 104 16.72 -31.02 -5.18
N PHE B 105 17.81 -30.24 -5.21
CA PHE B 105 17.84 -28.92 -4.55
C PHE B 105 18.24 -27.73 -5.46
N LEU B 106 17.69 -26.56 -5.11
CA LEU B 106 17.94 -25.28 -5.82
C LEU B 106 18.85 -24.37 -5.01
N PHE B 107 19.90 -23.84 -5.65
CA PHE B 107 20.85 -22.92 -5.01
C PHE B 107 20.66 -21.49 -5.55
N VAL B 108 20.69 -20.51 -4.64
CA VAL B 108 20.51 -19.12 -4.98
C VAL B 108 21.54 -18.27 -4.24
N VAL B 109 22.15 -17.32 -4.95
CA VAL B 109 23.14 -16.41 -4.39
C VAL B 109 22.45 -15.06 -4.21
N TYR B 110 22.46 -14.53 -2.99
CA TYR B 110 21.87 -13.26 -2.65
C TYR B 110 22.93 -12.34 -2.09
N ASP B 111 22.64 -11.05 -2.07
CA ASP B 111 23.54 -10.05 -1.52
C ASP B 111 23.46 -10.18 0.00
N TRP B 112 24.60 -10.08 0.69
CA TRP B 112 24.66 -10.16 2.14
C TRP B 112 24.40 -8.76 2.67
N ILE B 113 23.33 -8.58 3.43
CA ILE B 113 22.96 -7.28 4.00
C ILE B 113 23.53 -7.09 5.42
N GLU B 114 24.25 -6.00 5.63
CA GLU B 114 24.83 -5.72 6.95
C GLU B 114 23.77 -5.05 7.82
N GLY B 115 23.65 -5.51 9.05
CA GLY B 115 22.69 -4.96 9.99
C GLY B 115 22.63 -5.75 11.27
N ARG B 116 21.75 -5.33 12.18
CA ARG B 116 21.58 -6.00 13.47
C ARG B 116 20.17 -6.52 13.62
N PRO B 117 19.98 -7.57 14.44
CA PRO B 117 18.61 -8.03 14.66
C PRO B 117 17.87 -7.08 15.61
N PHE B 118 16.56 -7.16 15.62
CA PHE B 118 15.72 -6.34 16.48
C PHE B 118 15.52 -6.94 17.87
N GLU B 119 15.39 -6.07 18.87
CA GLU B 119 15.16 -6.43 20.27
C GLU B 119 13.68 -6.19 20.52
N LEU B 120 12.89 -7.27 20.62
CA LEU B 120 11.42 -7.13 20.86
C LEU B 120 11.05 -6.37 22.15
N THR B 121 11.94 -6.34 23.14
CA THR B 121 11.71 -5.60 24.39
C THR B 121 11.92 -4.07 24.25
N VAL B 122 12.47 -3.61 23.10
CA VAL B 122 12.70 -2.19 22.84
C VAL B 122 11.50 -1.72 22.00
N LYS B 123 10.83 -0.66 22.45
CA LYS B 123 9.65 -0.13 21.79
C LYS B 123 9.88 0.25 20.33
N GLN B 124 10.94 1.02 20.08
CA GLN B 124 11.26 1.48 18.72
C GLN B 124 11.51 0.29 17.75
N ASP B 125 12.14 -0.78 18.23
CA ASP B 125 12.37 -1.97 17.39
C ASP B 125 11.09 -2.71 17.03
N LEU B 126 10.14 -2.68 17.95
CA LEU B 126 8.86 -3.34 17.78
C LEU B 126 8.12 -2.55 16.68
N GLU B 127 8.21 -1.22 16.74
CA GLU B 127 7.63 -0.35 15.71
C GLU B 127 8.29 -0.59 14.35
N PHE B 128 9.62 -0.65 14.32
CA PHE B 128 10.35 -0.89 13.06
C PHE B 128 9.97 -2.18 12.37
N ILE B 129 9.92 -3.27 13.13
CA ILE B 129 9.63 -4.57 12.57
C ILE B 129 8.20 -4.61 11.96
N LYS B 131 6.50 -1.82 10.76
CA LYS B 131 6.48 -0.96 9.57
C LYS B 131 7.09 -1.72 8.38
N GLY B 132 8.09 -2.56 8.64
CA GLY B 132 8.71 -3.38 7.61
C GLY B 132 7.73 -4.40 7.07
N LEU B 133 6.89 -4.96 7.93
CA LEU B 133 5.88 -5.93 7.50
C LEU B 133 4.86 -5.24 6.62
N ALA B 134 4.47 -4.03 7.01
CA ALA B 134 3.52 -3.24 6.22
C ALA B 134 4.15 -2.95 4.83
N ASP B 135 5.43 -2.58 4.79
CA ASP B 135 6.11 -2.32 3.50
C ASP B 135 6.09 -3.56 2.62
N PHE B 136 6.43 -4.72 3.20
CA PHE B 136 6.44 -5.99 2.51
C PHE B 136 5.08 -6.29 1.88
N HIS B 137 4.01 -6.16 2.66
CA HIS B 137 2.66 -6.43 2.14
C HIS B 137 2.31 -5.50 1.00
N THR B 138 2.52 -4.20 1.19
CA THR B 138 2.18 -3.21 0.16
C THR B 138 3.00 -3.41 -1.12
N ALA B 139 4.30 -3.62 -0.97
CA ALA B 139 5.18 -3.82 -2.11
C ALA B 139 4.85 -5.10 -2.89
N SER B 140 4.38 -6.14 -2.20
CA SER B 140 4.10 -7.43 -2.85
C SER B 140 2.92 -7.41 -3.82
N VAL B 141 1.99 -6.48 -3.65
CA VAL B 141 0.81 -6.36 -4.51
C VAL B 141 1.25 -6.06 -5.93
N GLY B 142 0.94 -6.99 -6.84
CA GLY B 142 1.31 -6.88 -8.24
C GLY B 142 2.17 -8.07 -8.69
N TYR B 143 2.75 -8.79 -7.74
CA TYR B 143 3.57 -9.95 -8.05
C TYR B 143 2.74 -11.09 -8.61
N GLN B 144 3.22 -11.68 -9.70
CA GLN B 144 2.62 -12.83 -10.32
C GLN B 144 3.82 -13.67 -10.74
N PRO B 145 3.84 -14.97 -10.38
CA PRO B 145 4.98 -15.78 -10.76
C PRO B 145 4.99 -15.97 -12.26
N PRO B 146 6.16 -16.33 -12.83
CA PRO B 146 6.23 -16.48 -14.28
C PRO B 146 5.50 -17.71 -14.79
N ASN B 147 5.25 -17.72 -16.10
CA ASN B 147 4.57 -18.80 -16.78
C ASN B 147 5.29 -20.11 -16.45
N GLY B 148 4.53 -21.12 -16.03
CA GLY B 148 5.07 -22.43 -15.64
C GLY B 148 5.17 -22.63 -14.14
N VAL B 149 5.18 -21.53 -13.36
CA VAL B 149 5.29 -21.58 -11.91
C VAL B 149 3.89 -21.33 -11.32
N PRO B 150 3.31 -22.33 -10.65
CA PRO B 150 1.96 -22.12 -10.11
C PRO B 150 1.94 -21.20 -8.88
N ILE B 151 0.81 -20.53 -8.70
CA ILE B 151 0.63 -19.64 -7.58
C ILE B 151 0.41 -20.48 -6.32
N PHE B 152 0.85 -19.97 -5.19
CA PHE B 152 0.64 -20.61 -3.89
C PHE B 152 -0.20 -19.62 -3.14
N THR B 153 -1.43 -20.05 -2.84
CA THR B 153 -2.42 -19.23 -2.20
C THR B 153 -3.24 -19.98 -1.16
N LYS B 154 -3.59 -19.27 -0.11
CA LYS B 154 -4.44 -19.77 0.95
C LYS B 154 -5.70 -18.90 1.03
N LEU B 155 -5.92 -18.02 0.05
CA LEU B 155 -7.09 -17.15 0.05
C LEU B 155 -8.39 -17.94 0.08
N GLY B 156 -9.25 -17.62 1.05
CA GLY B 156 -10.53 -18.30 1.22
C GLY B 156 -10.48 -19.67 1.87
N ARG B 157 -9.30 -20.15 2.30
CA ARG B 157 -9.15 -21.49 2.90
C ARG B 157 -9.21 -21.58 4.43
N TRP B 158 -9.37 -20.46 5.13
CA TRP B 158 -9.39 -20.48 6.61
C TRP B 158 -10.49 -21.35 7.22
N PRO B 159 -11.75 -21.20 6.76
CA PRO B 159 -12.81 -22.07 7.30
C PRO B 159 -12.44 -23.55 7.23
N ASN B 160 -11.94 -23.99 6.08
CA ASN B 160 -11.50 -25.38 5.92
C ASN B 160 -10.33 -25.71 6.81
N HIS B 161 -9.38 -24.79 6.97
CA HIS B 161 -8.24 -25.04 7.85
C HIS B 161 -8.68 -25.12 9.33
N TYR B 162 -9.65 -24.31 9.73
CA TYR B 162 -10.16 -24.38 11.09
C TYR B 162 -10.80 -25.73 11.36
N THR B 163 -11.57 -26.20 10.40
CA THR B 163 -12.26 -27.48 10.50
C THR B 163 -11.29 -28.65 10.54
N LYS B 164 -10.25 -28.62 9.71
CA LYS B 164 -9.23 -29.68 9.70
C LYS B 164 -8.57 -29.79 11.07
N ARG B 165 -8.21 -28.64 11.65
CA ARG B 165 -7.60 -28.60 12.97
C ARG B 165 -8.52 -29.08 14.10
N CYS B 166 -9.80 -28.71 14.03
CA CYS B 166 -10.80 -29.17 15.01
C CYS B 166 -11.00 -30.68 14.86
N LYS B 167 -11.02 -31.18 13.62
CA LYS B 167 -11.15 -32.62 13.37
C LYS B 167 -9.92 -33.36 13.91
N GLN B 168 -8.75 -32.75 13.72
CA GLN B 168 -7.49 -33.32 14.17
C GLN B 168 -7.49 -33.44 15.70
N GLU B 170 -10.05 -33.88 17.53
CA GLU B 170 -10.98 -34.96 17.85
C GLU B 170 -10.26 -36.27 17.56
N THR B 171 -9.63 -36.37 16.39
CA THR B 171 -8.89 -37.57 16.00
C THR B 171 -7.79 -37.96 17.00
N TRP B 172 -7.16 -36.94 17.62
CA TRP B 172 -6.12 -37.19 18.63
C TRP B 172 -6.67 -37.73 19.96
N LYS B 173 -7.99 -37.67 20.18
CA LYS B 173 -8.61 -38.26 21.38
C LYS B 173 -8.29 -39.76 21.49
N LEU B 174 -8.15 -40.45 20.36
CA LEU B 174 -7.81 -41.88 20.34
C LEU B 174 -6.48 -42.20 21.00
N ALA B 176 -5.00 -40.09 23.20
CA ALA B 176 -5.19 -39.68 24.59
C ALA B 176 -5.90 -40.78 25.39
N GLU B 177 -6.88 -41.47 24.76
CA GLU B 177 -7.60 -42.58 25.41
C GLU B 177 -6.69 -43.80 25.55
N ALA B 178 -5.73 -43.99 24.64
CA ALA B 178 -4.77 -45.09 24.72
C ALA B 178 -3.87 -44.93 25.96
N GLU B 179 -3.44 -43.69 26.22
CA GLU B 179 -2.59 -43.33 27.36
C GLU B 179 -3.45 -43.06 28.56
N LYS B 180 -4.04 -44.13 29.11
CA LYS B 180 -4.93 -44.05 30.27
C LYS B 180 -4.43 -43.36 31.53
N GLU B 181 -3.15 -43.55 31.84
CA GLU B 181 -2.52 -42.96 33.06
C GLU B 181 -1.57 -41.76 32.84
N ASP B 182 -1.50 -41.23 31.62
CA ASP B 182 -0.64 -40.08 31.31
C ASP B 182 -1.34 -38.78 31.73
N PRO B 183 -0.78 -38.01 32.70
CA PRO B 183 -1.42 -36.75 33.15
C PRO B 183 -1.86 -35.80 32.04
N PHE B 184 -1.00 -35.57 31.04
CA PHE B 184 -1.31 -34.68 29.90
C PHE B 184 -2.57 -35.15 29.20
N SER B 185 -2.60 -36.43 28.83
CA SER B 185 -3.76 -37.02 28.13
C SER B 185 -5.05 -37.03 28.98
N GLN B 186 -4.93 -37.19 30.29
CA GLN B 186 -6.10 -37.15 31.17
C GLN B 186 -6.69 -35.73 31.11
N LEU B 187 -5.84 -34.72 31.27
CA LEU B 187 -6.28 -33.31 31.22
C LEU B 187 -6.86 -32.97 29.84
N TYR B 188 -6.28 -33.55 28.78
CA TYR B 188 -6.73 -33.31 27.42
C TYR B 188 -8.16 -33.80 27.24
N LEU B 189 -8.45 -35.04 27.63
CA LEU B 189 -9.82 -35.59 27.51
C LEU B 189 -10.83 -34.88 28.42
N GLN B 190 -10.37 -34.30 29.53
CA GLN B 190 -11.27 -33.57 30.43
C GLN B 190 -11.69 -32.20 29.93
N GLU B 191 -10.75 -31.43 29.37
CA GLU B 191 -10.99 -30.04 28.94
C GLU B 191 -10.97 -29.63 27.47
N ILE B 192 -10.49 -30.48 26.57
CA ILE B 192 -10.36 -30.06 25.16
C ILE B 192 -11.68 -29.74 24.42
N ASP B 193 -12.77 -30.40 24.77
CA ASP B 193 -14.07 -30.17 24.10
C ASP B 193 -14.48 -28.70 24.01
N GLY B 194 -14.30 -27.97 25.11
CA GLY B 194 -14.63 -26.54 25.16
C GLY B 194 -13.87 -25.73 24.13
N PHE B 195 -12.61 -26.08 23.92
CA PHE B 195 -11.77 -25.38 22.95
C PHE B 195 -12.10 -25.77 21.52
N ILE B 196 -12.51 -27.01 21.30
CA ILE B 196 -12.89 -27.47 19.96
C ILE B 196 -14.19 -26.77 19.60
N GLU B 197 -15.15 -26.78 20.52
CA GLU B 197 -16.45 -26.11 20.34
C GLU B 197 -16.22 -24.62 20.03
N ASP B 198 -15.33 -23.96 20.80
CA ASP B 198 -14.99 -22.56 20.55
C ASP B 198 -14.45 -22.39 19.13
N GLY B 199 -13.58 -23.32 18.70
CA GLY B 199 -13.03 -23.30 17.35
C GLY B 199 -14.11 -23.32 16.27
N LEU B 200 -15.16 -24.13 16.47
CA LEU B 200 -16.28 -24.20 15.52
C LEU B 200 -17.09 -22.90 15.50
N ARG B 201 -17.28 -22.28 16.66
CA ARG B 201 -17.99 -20.99 16.71
C ARG B 201 -17.19 -19.89 16.04
N ILE B 202 -15.86 -19.98 16.15
CA ILE B 202 -14.95 -19.02 15.53
C ILE B 202 -15.08 -19.15 14.00
N LYS B 203 -15.29 -20.36 13.49
CA LYS B 203 -15.48 -20.57 12.05
C LYS B 203 -16.75 -19.86 11.60
N ASP B 204 -17.82 -20.08 12.36
CA ASP B 204 -19.12 -19.46 12.10
C ASP B 204 -19.05 -17.94 12.11
N ARG B 205 -18.34 -17.39 13.10
CA ARG B 205 -18.12 -15.96 13.18
C ARG B 205 -17.36 -15.45 11.96
N LEU B 206 -16.34 -16.21 11.52
CA LEU B 206 -15.57 -15.80 10.34
C LEU B 206 -16.42 -15.74 9.09
N LEU B 207 -17.33 -16.70 8.94
CA LEU B 207 -18.22 -16.74 7.77
C LEU B 207 -19.25 -15.59 7.74
N GLN B 208 -19.51 -14.95 8.88
CA GLN B 208 -20.42 -13.81 8.93
C GLN B 208 -19.67 -12.46 8.86
N SER B 209 -18.34 -12.48 8.82
CA SER B 209 -17.53 -11.28 8.74
C SER B 209 -17.32 -10.97 7.28
N THR B 210 -16.42 -10.04 6.97
CA THR B 210 -16.11 -9.71 5.59
C THR B 210 -14.98 -10.58 5.03
N TYR B 211 -14.64 -11.68 5.70
CA TYR B 211 -13.59 -12.60 5.24
C TYR B 211 -13.77 -13.04 3.78
N VAL B 212 -14.95 -13.56 3.45
CA VAL B 212 -15.19 -14.05 2.08
C VAL B 212 -15.06 -12.91 1.04
N PRO B 213 -15.85 -11.82 1.14
CA PRO B 213 -15.67 -10.77 0.11
C PRO B 213 -14.26 -10.19 0.06
N TRP B 214 -13.59 -10.09 1.19
CA TRP B 214 -12.20 -9.58 1.22
C TRP B 214 -11.25 -10.55 0.50
N THR B 215 -11.38 -11.85 0.76
CA THR B 215 -10.52 -12.84 0.09
C THR B 215 -10.81 -12.81 -1.40
N GLU B 216 -12.09 -12.73 -1.79
CA GLU B 216 -12.44 -12.66 -3.23
C GLU B 216 -11.86 -11.44 -3.92
N GLN B 217 -11.77 -10.32 -3.23
CA GLN B 217 -11.19 -9.09 -3.76
CA GLN B 217 -11.18 -9.11 -3.82
C GLN B 217 -9.69 -9.27 -3.97
N LEU B 218 -9.00 -9.80 -2.95
CA LEU B 218 -7.55 -10.00 -3.08
C LEU B 218 -7.15 -11.05 -4.11
N LYS B 219 -7.97 -12.07 -4.40
CA LYS B 219 -7.59 -13.06 -5.44
C LYS B 219 -7.31 -12.39 -6.79
N LYS B 220 -7.99 -11.29 -7.04
CA LYS B 220 -7.87 -10.50 -8.27
C LYS B 220 -6.53 -9.73 -8.31
N SER B 221 -6.01 -9.29 -7.16
CA SER B 221 -4.73 -8.57 -7.05
C SER B 221 -4.17 -8.79 -5.62
N PRO B 222 -3.54 -9.95 -5.39
CA PRO B 222 -3.08 -10.28 -4.03
C PRO B 222 -1.72 -9.86 -3.54
N ASN B 223 -1.64 -9.75 -2.22
CA ASN B 223 -0.44 -9.48 -1.50
C ASN B 223 0.10 -10.82 -0.98
N LEU B 224 1.39 -10.87 -0.72
CA LEU B 224 2.04 -12.02 -0.17
C LEU B 224 2.06 -11.92 1.33
N CYS B 225 2.05 -13.06 2.00
CA CYS B 225 2.23 -13.15 3.44
C CYS B 225 3.56 -13.81 3.57
N HIS B 226 4.39 -13.30 4.45
CA HIS B 226 5.72 -13.85 4.68
C HIS B 226 5.61 -15.26 5.26
N GLN B 227 4.62 -15.50 6.14
CA GLN B 227 4.33 -16.84 6.78
C GLN B 227 5.29 -17.31 7.90
N ASP B 228 6.40 -16.61 8.11
CA ASP B 228 7.39 -16.94 9.14
C ASP B 228 8.14 -15.65 9.54
N TYR B 229 7.38 -14.57 9.70
CA TYR B 229 7.95 -13.27 9.99
C TYR B 229 8.30 -13.15 11.48
N GLY B 230 9.55 -12.79 11.75
CA GLY B 230 10.03 -12.62 13.10
C GLY B 230 11.39 -11.96 13.16
N THR B 231 11.98 -11.99 14.34
CA THR B 231 13.30 -11.37 14.57
C THR B 231 14.45 -12.09 13.87
N GLY B 232 14.29 -13.38 13.56
CA GLY B 232 15.32 -14.15 12.85
C GLY B 232 15.40 -13.87 11.34
N ASN B 233 14.32 -13.30 10.78
CA ASN B 233 14.19 -12.99 9.36
C ASN B 233 14.14 -11.49 9.03
N THR B 234 14.59 -10.63 9.95
CA THR B 234 14.57 -9.19 9.72
C THR B 234 15.82 -8.54 10.32
N LEU B 235 16.17 -7.37 9.80
CA LEU B 235 17.35 -6.63 10.22
C LEU B 235 17.18 -5.14 10.03
N LEU B 236 17.94 -4.38 10.81
CA LEU B 236 17.98 -2.94 10.72
C LEU B 236 19.38 -2.67 10.17
N GLY B 237 19.43 -2.08 8.97
CA GLY B 237 20.69 -1.75 8.31
C GLY B 237 21.02 -0.26 8.43
N GLU B 238 21.93 0.20 7.57
CA GLU B 238 22.35 1.60 7.53
C GLU B 238 21.14 2.50 7.18
N ASN B 239 21.15 3.71 7.71
CA ASN B 239 20.08 4.72 7.52
C ASN B 239 18.71 4.20 8.03
N GLU B 240 18.76 3.45 9.14
CA GLU B 240 17.56 2.85 9.79
C GLU B 240 16.59 2.15 8.84
N GLN B 241 17.13 1.46 7.83
CA GLN B 241 16.32 0.74 6.84
C GLN B 241 15.97 -0.63 7.39
N ILE B 242 14.70 -1.01 7.28
CA ILE B 242 14.23 -2.29 7.75
C ILE B 242 14.30 -3.25 6.58
N TRP B 243 15.01 -4.38 6.75
CA TRP B 243 15.15 -5.41 5.71
C TRP B 243 14.48 -6.69 6.11
N VAL B 244 13.88 -7.39 5.13
CA VAL B 244 13.23 -8.66 5.33
C VAL B 244 14.07 -9.70 4.59
N ILE B 245 14.55 -10.71 5.32
CA ILE B 245 15.35 -11.79 4.79
C ILE B 245 14.46 -13.03 4.78
N ASP B 246 14.88 -14.06 4.06
CA ASP B 246 14.21 -15.36 4.00
C ASP B 246 12.73 -15.34 3.59
N LEU B 247 12.50 -15.31 2.29
CA LEU B 247 11.15 -15.33 1.74
C LEU B 247 10.76 -16.76 1.30
N ASP B 248 11.44 -17.78 1.79
CA ASP B 248 11.16 -19.17 1.40
C ASP B 248 9.75 -19.71 1.66
N THR B 249 9.01 -19.13 2.60
CA THR B 249 7.67 -19.60 2.95
C THR B 249 6.52 -18.71 2.40
N VAL B 250 6.79 -17.72 1.57
CA VAL B 250 5.74 -16.81 1.08
C VAL B 250 4.62 -17.45 0.27
N SER B 251 3.41 -16.90 0.43
CA SER B 251 2.21 -17.34 -0.32
C SER B 251 1.18 -16.23 -0.25
N PHE B 252 0.21 -16.25 -1.14
CA PHE B 252 -0.83 -15.24 -1.15
C PHE B 252 -1.87 -15.51 -0.06
N ASP B 253 -2.12 -14.51 0.78
CA ASP B 253 -3.13 -14.61 1.82
C ASP B 253 -3.37 -13.21 2.37
N LEU B 254 -4.44 -13.05 3.14
CA LEU B 254 -4.77 -11.80 3.79
C LEU B 254 -3.57 -11.31 4.62
N PRO B 255 -3.25 -10.01 4.56
CA PRO B 255 -2.06 -9.56 5.31
C PRO B 255 -2.17 -9.73 6.84
N ILE B 256 -3.41 -9.76 7.35
CA ILE B 256 -3.65 -9.95 8.79
C ILE B 256 -3.11 -11.29 9.31
N ARG B 257 -2.90 -12.27 8.44
CA ARG B 257 -2.33 -13.54 8.84
C ARG B 257 -0.95 -13.37 9.49
N ASP B 258 -0.10 -12.55 8.88
CA ASP B 258 1.23 -12.27 9.44
C ASP B 258 1.15 -11.55 10.75
N LEU B 259 0.15 -10.70 10.92
CA LEU B 259 -0.01 -9.98 12.21
C LEU B 259 -0.33 -10.98 13.29
N ARG B 260 -1.23 -11.92 13.00
CA ARG B 260 -1.58 -12.93 13.99
C ARG B 260 -0.38 -13.80 14.32
N LYS B 261 0.31 -14.29 13.30
CA LYS B 261 1.48 -15.20 13.51
C LYS B 261 2.63 -14.54 14.24
N ILE B 263 2.12 -11.55 16.44
CA ILE B 263 1.62 -11.04 17.73
C ILE B 263 1.14 -12.06 18.75
N ILE B 264 0.32 -13.01 18.33
CA ILE B 264 -0.25 -13.97 19.28
C ILE B 264 0.83 -14.81 19.98
N PRO B 265 1.81 -15.37 19.23
CA PRO B 265 2.87 -16.09 19.96
C PRO B 265 3.72 -15.20 20.87
N LEU B 266 3.94 -13.93 20.49
CA LEU B 266 4.72 -13.01 21.32
C LEU B 266 4.06 -12.71 22.66
N LEU B 267 2.73 -12.58 22.65
CA LEU B 267 1.97 -12.29 23.86
C LEU B 267 1.55 -13.55 24.66
N ASP B 268 2.03 -14.74 24.25
CA ASP B 268 1.71 -16.01 24.93
C ASP B 268 2.17 -15.89 26.39
N THR B 269 1.22 -16.09 27.30
CA THR B 269 1.46 -15.98 28.73
C THR B 269 0.39 -16.65 29.55
N THR B 270 0.71 -16.92 30.80
CA THR B 270 -0.25 -17.45 31.77
C THR B 270 -0.53 -16.35 32.81
N GLY B 271 0.07 -15.15 32.61
CA GLY B 271 -0.09 -14.00 33.48
C GLY B 271 -1.11 -13.01 32.93
N VAL B 272 -0.64 -11.85 32.46
CA VAL B 272 -1.54 -10.80 31.95
C VAL B 272 -1.31 -10.49 30.49
N TRP B 273 -2.40 -10.15 29.81
CA TRP B 273 -2.39 -9.80 28.41
C TRP B 273 -1.70 -8.45 28.26
N ASP B 274 -0.64 -8.39 27.46
CA ASP B 274 0.12 -7.17 27.28
C ASP B 274 -0.54 -6.29 26.21
N ASP B 275 -1.57 -5.56 26.61
CA ASP B 275 -2.31 -4.68 25.66
C ASP B 275 -1.47 -3.50 25.17
N GLU B 276 -0.55 -3.02 25.96
CA GLU B 276 0.34 -1.94 25.53
C GLU B 276 1.18 -2.37 24.32
N THR B 277 1.75 -3.57 24.38
CA THR B 277 2.55 -4.11 23.28
C THR B 277 1.69 -4.36 22.04
N PHE B 278 0.48 -4.86 22.28
CA PHE B 278 -0.47 -5.12 21.19
C PHE B 278 -0.75 -3.81 20.44
N ASN B 279 -0.97 -2.73 21.20
CA ASN B 279 -1.25 -1.42 20.64
C ASN B 279 -0.08 -0.83 19.88
N VAL B 280 1.11 -0.88 20.49
CA VAL B 280 2.31 -0.36 19.83
C VAL B 280 2.51 -1.05 18.48
N LEU B 282 0.21 -2.87 16.49
CA LEU B 282 -0.85 -2.56 15.52
C LEU B 282 -0.80 -1.12 15.06
N ASN B 283 -0.54 -0.19 15.98
CA ASN B 283 -0.47 1.23 15.59
C ASN B 283 0.68 1.45 14.59
N ALA B 284 1.81 0.78 14.78
CA ALA B 284 2.95 0.93 13.86
C ALA B 284 2.62 0.36 12.48
N TYR B 285 1.99 -0.80 12.44
CA TYR B 285 1.60 -1.41 11.18
C TYR B 285 0.59 -0.53 10.44
N GLU B 286 -0.50 -0.17 11.15
CA GLU B 286 -1.56 0.67 10.57
C GLU B 286 -1.10 2.05 10.12
N SER B 287 -0.02 2.59 10.71
CA SER B 287 0.50 3.89 10.29
C SER B 287 1.02 3.85 8.85
N ARG B 288 1.47 2.68 8.41
CA ARG B 288 1.99 2.51 7.08
C ARG B 288 0.95 1.85 6.15
N ALA B 289 0.23 0.84 6.66
CA ALA B 289 -0.80 0.11 5.89
C ALA B 289 -2.07 0.03 6.73
N PRO B 290 -2.91 1.06 6.67
CA PRO B 290 -4.11 1.04 7.53
C PRO B 290 -5.14 -0.03 7.18
N LEU B 291 -5.87 -0.47 8.19
CA LEU B 291 -6.88 -1.49 8.09
C LEU B 291 -8.25 -0.91 8.43
N THR B 292 -9.29 -1.33 7.72
CA THR B 292 -10.66 -0.85 8.01
C THR B 292 -11.13 -1.59 9.25
N GLU B 293 -12.22 -1.14 9.85
CA GLU B 293 -12.77 -1.83 11.04
C GLU B 293 -13.19 -3.26 10.72
N GLU B 294 -13.76 -3.49 9.55
CA GLU B 294 -14.23 -4.82 9.14
C GLU B 294 -13.02 -5.76 8.96
N GLN B 295 -11.93 -5.24 8.42
CA GLN B 295 -10.69 -6.00 8.25
C GLN B 295 -10.10 -6.38 9.62
N LYS B 296 -10.12 -5.44 10.58
CA LYS B 296 -9.60 -5.73 11.91
CA LYS B 296 -9.61 -5.72 11.92
C LYS B 296 -10.50 -6.77 12.61
N GLN B 297 -11.82 -6.73 12.34
CA GLN B 297 -12.73 -7.72 12.93
C GLN B 297 -12.32 -9.13 12.47
N VAL B 298 -11.97 -9.27 11.20
CA VAL B 298 -11.54 -10.56 10.65
C VAL B 298 -10.27 -11.00 11.35
N PHE B 300 -9.24 -10.13 14.43
CA PHE B 300 -9.52 -10.49 15.83
C PHE B 300 -10.24 -11.84 15.96
N ILE B 301 -11.11 -12.16 15.00
CA ILE B 301 -11.80 -13.45 14.97
C ILE B 301 -10.73 -14.56 14.81
N ASP B 302 -9.86 -14.38 13.83
CA ASP B 302 -8.78 -15.35 13.55
C ASP B 302 -7.86 -15.52 14.74
N LEU B 304 -8.65 -15.38 17.81
CA LEU B 304 -9.31 -16.22 18.81
C LEU B 304 -9.15 -17.70 18.54
N PHE B 305 -8.86 -18.10 17.30
CA PHE B 305 -8.76 -19.52 17.01
C PHE B 305 -7.56 -20.08 17.79
N PRO B 306 -7.73 -21.27 18.41
CA PRO B 306 -6.65 -21.85 19.21
C PRO B 306 -5.39 -22.40 18.49
N TYR B 307 -4.76 -21.60 17.65
CA TYR B 307 -3.55 -22.01 16.94
C TYR B 307 -2.40 -22.40 17.87
N GLU B 308 -2.18 -21.62 18.90
CA GLU B 308 -1.06 -21.90 19.84
C GLU B 308 -1.33 -23.16 20.66
N LEU B 309 -2.60 -23.39 21.05
CA LEU B 309 -2.96 -24.59 21.77
C LEU B 309 -2.70 -25.81 20.87
N TYR B 310 -3.12 -25.71 19.60
CA TYR B 310 -2.93 -26.76 18.60
C TYR B 310 -1.47 -27.20 18.47
N ASP B 311 -0.54 -26.24 18.40
CA ASP B 311 0.90 -26.56 18.29
C ASP B 311 1.38 -27.36 19.47
N VAL B 312 0.91 -27.03 20.67
CA VAL B 312 1.30 -27.75 21.89
C VAL B 312 0.77 -29.19 21.83
N ILE B 313 -0.47 -29.35 21.38
CA ILE B 313 -1.09 -30.66 21.28
C ILE B 313 -0.38 -31.49 20.19
N ARG B 314 0.00 -30.84 19.09
CA ARG B 314 0.70 -31.47 17.98
C ARG B 314 2.08 -31.95 18.47
N GLU B 315 2.75 -31.17 19.31
CA GLU B 315 4.05 -31.61 19.89
C GLU B 315 3.90 -32.91 20.65
N LYS B 316 2.80 -33.06 21.38
CA LYS B 316 2.53 -34.26 22.13
C LYS B 316 2.14 -35.44 21.25
N TYR B 317 1.07 -35.31 20.47
CA TYR B 317 0.59 -36.47 19.68
C TYR B 317 1.20 -36.72 18.29
N VAL B 318 1.86 -35.74 17.67
CA VAL B 318 2.49 -35.99 16.36
C VAL B 318 4.00 -36.17 16.55
N ARG B 319 4.67 -35.20 17.19
CA ARG B 319 6.12 -35.32 17.44
C ARG B 319 6.49 -36.27 18.62
N LYS B 320 5.49 -36.74 19.36
CA LYS B 320 5.65 -37.70 20.47
C LYS B 320 6.52 -37.24 21.65
N SER B 321 6.48 -35.95 21.98
CA SER B 321 7.22 -35.41 23.13
C SER B 321 6.44 -35.74 24.40
N ALA B 322 7.14 -36.17 25.45
CA ALA B 322 6.50 -36.50 26.73
C ALA B 322 6.32 -35.21 27.51
N LEU B 323 5.37 -34.39 27.07
CA LEU B 323 5.13 -33.10 27.70
C LEU B 323 4.36 -33.26 28.99
N PRO B 324 4.69 -32.47 30.04
CA PRO B 324 3.92 -32.60 31.26
C PRO B 324 2.61 -31.82 31.19
N LYS B 325 1.70 -32.16 32.07
CA LYS B 325 0.37 -31.56 32.23
C LYS B 325 0.40 -30.04 32.27
N GLU B 326 1.42 -29.50 32.92
CA GLU B 326 1.61 -28.06 33.08
C GLU B 326 1.67 -27.32 31.73
N GLU B 327 2.33 -27.89 30.72
CA GLU B 327 2.40 -27.23 29.40
C GLU B 327 1.06 -27.18 28.69
N LEU B 328 0.19 -28.18 28.91
CA LEU B 328 -1.14 -28.18 28.32
C LEU B 328 -1.97 -27.13 29.03
N GLU B 329 -1.90 -27.13 30.37
CA GLU B 329 -2.65 -26.18 31.20
C GLU B 329 -2.26 -24.73 30.85
N SER B 330 -0.97 -24.46 30.64
CA SER B 330 -0.51 -23.11 30.25
C SER B 330 -1.08 -22.71 28.89
N ALA B 331 -1.18 -23.69 27.98
CA ALA B 331 -1.75 -23.42 26.66
C ALA B 331 -3.21 -23.08 26.84
N PHE B 332 -3.94 -23.85 27.65
CA PHE B 332 -5.34 -23.55 27.90
C PHE B 332 -5.54 -22.18 28.55
N GLU B 333 -4.68 -21.85 29.51
CA GLU B 333 -4.81 -20.57 30.20
C GLU B 333 -4.59 -19.41 29.22
N TYR B 334 -3.62 -19.53 28.30
CA TYR B 334 -3.42 -18.45 27.33
C TYR B 334 -4.64 -18.26 26.44
N GLU B 335 -5.25 -19.36 26.01
CA GLU B 335 -6.46 -19.23 25.18
C GLU B 335 -7.55 -18.49 25.97
N ARG B 336 -7.67 -18.77 27.27
CA ARG B 336 -8.66 -18.09 28.11
C ARG B 336 -8.31 -16.60 28.26
N ILE B 337 -7.05 -16.31 28.59
CA ILE B 337 -6.57 -14.93 28.73
C ILE B 337 -6.81 -14.12 27.45
N LYS B 338 -6.53 -14.75 26.31
CA LYS B 338 -6.72 -14.14 25.00
C LYS B 338 -8.20 -13.96 24.67
N ALA B 339 -9.04 -14.92 25.04
CA ALA B 339 -10.48 -14.84 24.80
C ALA B 339 -11.09 -13.61 25.48
N ASN B 340 -10.74 -13.41 26.74
CA ASN B 340 -11.20 -12.26 27.48
C ASN B 340 -10.68 -10.94 26.90
N ALA B 341 -9.43 -10.91 26.44
CA ALA B 341 -8.83 -9.69 25.89
C ALA B 341 -9.47 -9.28 24.57
N LEU B 342 -9.88 -10.24 23.76
CA LEU B 342 -10.48 -9.95 22.46
C LEU B 342 -12.02 -10.03 22.39
N ARG B 343 -12.69 -10.38 23.49
CA ARG B 343 -14.15 -10.55 23.47
C ARG B 343 -14.95 -9.37 22.92
N GLN B 344 -14.55 -8.12 23.20
CA GLN B 344 -15.27 -6.95 22.72
C GLN B 344 -14.89 -6.53 21.31
N LEU B 345 -13.81 -7.06 20.78
CA LEU B 345 -13.33 -6.71 19.44
C LEU B 345 -13.91 -7.54 18.30
N ILE B 346 -14.46 -8.71 18.61
CA ILE B 346 -15.01 -9.61 17.59
C ILE B 346 -16.45 -9.23 17.26
#